data_7U4R
#
_entry.id   7U4R
#
_cell.length_a   65.376
_cell.length_b   129.505
_cell.length_c   83.654
_cell.angle_alpha   90.000
_cell.angle_beta   91.819
_cell.angle_gamma   90.000
#
_symmetry.space_group_name_H-M   'P 1 21 1'
#
loop_
_entity.id
_entity.type
_entity.pdbx_description
1 polymer 'Dual specificity protein phosphatase 10'
2 non-polymer 3,3-dimethyl-1-{[(9aM)-9-propyl-5,6-dihydrothieno[2,3-h]quinazolin-2-yl]sulfanyl}butan-2-one
#
_entity_poly.entity_id   1
_entity_poly.type   'polypeptide(L)'
_entity_poly.pdbx_seq_one_letter_code
;GSHMAELTPILPFLFLGNEQDAQDLDTMQRLNIGYVINVTTHLPLYHYEKGLFNYKRLPATDSNKQNLRQYFEEAFEFIE
EAHQCGKGLLIHCQAGVSRSATIVIAYLMKHTRMTMTDAYKFVKGKRPIISPNLNFMGQLLEFEEDLNNGVT
;
_entity_poly.pdbx_strand_id   A,B,C,D,E,F
#
loop_
_chem_comp.id
_chem_comp.type
_chem_comp.name
_chem_comp.formula
L8R non-polymer 3,3-dimethyl-1-{[(9aM)-9-propyl-5,6-dihydrothieno[2,3-h]quinazolin-2-yl]sulfanyl}butan-2-one 'C19 H24 N2 O S2'
#
# COMPACT_ATOMS: atom_id res chain seq x y z
N ALA A 5 2.59 -30.69 9.86
CA ALA A 5 2.58 -29.33 9.34
C ALA A 5 3.87 -28.59 9.68
N GLU A 6 4.46 -27.93 8.69
CA GLU A 6 5.74 -27.26 8.84
C GLU A 6 5.71 -25.92 8.14
N LEU A 7 6.60 -25.02 8.57
CA LEU A 7 6.72 -23.68 8.03
C LEU A 7 7.84 -23.66 7.00
N THR A 8 7.51 -23.25 5.77
CA THR A 8 8.50 -23.22 4.71
C THR A 8 9.36 -21.97 4.83
N PRO A 9 10.68 -22.09 4.97
CA PRO A 9 11.54 -20.90 5.03
C PRO A 9 12.04 -20.49 3.65
N ILE A 10 11.45 -19.46 3.06
CA ILE A 10 11.95 -18.94 1.79
C ILE A 10 13.32 -18.32 2.00
N LEU A 11 13.39 -17.28 2.82
CA LEU A 11 14.63 -16.72 3.30
C LEU A 11 14.77 -17.08 4.77
N PRO A 12 15.96 -16.95 5.35
CA PRO A 12 16.12 -17.31 6.77
C PRO A 12 15.17 -16.60 7.72
N PHE A 13 14.60 -15.45 7.33
CA PHE A 13 13.69 -14.72 8.20
C PHE A 13 12.29 -14.59 7.61
N LEU A 14 12.06 -15.10 6.40
CA LEU A 14 10.78 -14.98 5.73
C LEU A 14 10.18 -16.37 5.57
N PHE A 15 8.95 -16.54 6.03
CA PHE A 15 8.34 -17.86 6.12
C PHE A 15 6.97 -17.85 5.44
N LEU A 16 6.69 -18.94 4.74
CA LEU A 16 5.47 -19.10 3.96
C LEU A 16 4.70 -20.30 4.49
N GLY A 17 3.38 -20.15 4.61
CA GLY A 17 2.56 -21.22 5.13
C GLY A 17 1.11 -21.02 4.81
N ASN A 18 0.27 -21.78 5.50
CA ASN A 18 -1.18 -21.71 5.29
C ASN A 18 -1.90 -21.64 6.64
N GLU A 19 -3.23 -21.71 6.61
CA GLU A 19 -4.02 -21.64 7.85
C GLU A 19 -3.52 -22.61 8.90
N GLN A 20 -3.20 -23.84 8.50
CA GLN A 20 -2.76 -24.84 9.48
C GLN A 20 -1.36 -24.55 9.99
N ASP A 21 -0.47 -24.06 9.12
CA ASP A 21 0.90 -23.80 9.52
C ASP A 21 0.99 -22.63 10.50
N ALA A 22 0.08 -21.68 10.42
CA ALA A 22 0.14 -20.48 11.27
C ALA A 22 -0.40 -20.71 12.67
N GLN A 23 -1.03 -21.85 12.94
CA GLN A 23 -1.57 -22.16 14.26
C GLN A 23 -0.59 -22.89 15.16
N ASP A 24 0.62 -23.18 14.68
CA ASP A 24 1.64 -23.86 15.48
C ASP A 24 2.46 -22.78 16.20
N LEU A 25 2.16 -22.56 17.47
CA LEU A 25 2.81 -21.49 18.21
C LEU A 25 4.23 -21.86 18.64
N ASP A 26 4.44 -23.12 19.01
CA ASP A 26 5.76 -23.56 19.47
C ASP A 26 6.79 -23.48 18.36
N THR A 27 6.39 -23.81 17.12
CA THR A 27 7.34 -23.74 16.02
C THR A 27 7.70 -22.30 15.68
N MET A 28 6.70 -21.40 15.72
CA MET A 28 6.96 -20.00 15.41
C MET A 28 7.89 -19.35 16.42
N GLN A 29 7.79 -19.74 17.70
CA GLN A 29 8.71 -19.19 18.69
C GLN A 29 10.09 -19.81 18.58
N ARG A 30 10.17 -21.08 18.15
CA ARG A 30 11.47 -21.70 17.89
C ARG A 30 12.18 -21.06 16.70
N LEU A 31 11.44 -20.40 15.80
CA LEU A 31 12.01 -19.75 14.64
C LEU A 31 12.20 -18.25 14.82
N ASN A 32 11.94 -17.73 16.03
CA ASN A 32 12.16 -16.32 16.34
C ASN A 32 11.36 -15.41 15.42
N ILE A 33 10.06 -15.69 15.31
CA ILE A 33 9.15 -14.91 14.48
C ILE A 33 8.43 -13.91 15.37
N GLY A 34 8.38 -12.65 14.92
CA GLY A 34 7.73 -11.60 15.68
C GLY A 34 6.74 -10.80 14.86
N TYR A 35 6.65 -11.10 13.57
CA TYR A 35 5.76 -10.39 12.66
C TYR A 35 4.95 -11.40 11.88
N VAL A 36 3.67 -11.11 11.65
CA VAL A 36 2.77 -12.02 10.94
C VAL A 36 1.95 -11.20 9.96
N ILE A 37 1.90 -11.66 8.70
CA ILE A 37 1.07 -11.05 7.68
C ILE A 37 0.00 -12.06 7.28
N ASN A 38 -1.26 -11.67 7.46
CA ASN A 38 -2.41 -12.49 7.10
C ASN A 38 -3.02 -11.92 5.82
N VAL A 39 -2.89 -12.67 4.73
CA VAL A 39 -3.34 -12.18 3.42
C VAL A 39 -4.73 -12.75 3.12
N THR A 40 -5.65 -12.62 4.08
CA THR A 40 -7.02 -13.09 3.90
C THR A 40 -7.98 -12.05 4.45
N THR A 41 -9.26 -12.18 4.09
CA THR A 41 -10.31 -11.34 4.65
C THR A 41 -11.04 -12.00 5.82
N HIS A 42 -10.98 -13.33 5.93
CA HIS A 42 -11.83 -14.06 6.89
C HIS A 42 -11.06 -14.85 7.94
N LEU A 43 -9.79 -15.16 7.74
CA LEU A 43 -9.07 -15.93 8.75
C LEU A 43 -8.76 -15.07 9.98
N PRO A 44 -8.82 -15.65 11.17
CA PRO A 44 -8.48 -14.88 12.38
C PRO A 44 -6.98 -14.64 12.47
N LEU A 45 -6.62 -13.61 13.22
CA LEU A 45 -5.23 -13.35 13.56
C LEU A 45 -4.87 -14.33 14.68
N TYR A 46 -4.19 -15.42 14.32
CA TYR A 46 -3.93 -16.48 15.28
C TYR A 46 -3.00 -16.01 16.38
N HIS A 47 -3.31 -16.40 17.62
CA HIS A 47 -2.52 -16.06 18.80
C HIS A 47 -2.43 -14.54 18.99
N TYR A 48 -3.54 -13.85 18.71
CA TYR A 48 -3.60 -12.40 18.87
C TYR A 48 -3.79 -12.03 20.34
N GLU A 49 -4.68 -12.74 21.04
CA GLU A 49 -4.92 -12.46 22.44
C GLU A 49 -3.70 -12.78 23.31
N LYS A 50 -2.75 -13.55 22.80
CA LYS A 50 -1.54 -13.86 23.54
C LYS A 50 -0.51 -12.74 23.49
N GLY A 51 -0.61 -11.84 22.52
CA GLY A 51 0.28 -10.68 22.46
C GLY A 51 1.74 -11.01 22.22
N LEU A 52 2.04 -11.95 21.31
CA LEU A 52 3.41 -12.34 21.05
C LEU A 52 3.97 -11.80 19.75
N PHE A 53 3.13 -11.45 18.77
CA PHE A 53 3.59 -11.04 17.46
C PHE A 53 2.99 -9.69 17.06
N ASN A 54 3.57 -9.10 16.02
CA ASN A 54 3.03 -7.92 15.37
C ASN A 54 2.29 -8.35 14.11
N TYR A 55 1.04 -7.89 13.97
CA TYR A 55 0.16 -8.36 12.92
C TYR A 55 -0.13 -7.26 11.91
N LYS A 56 -0.17 -7.65 10.64
CA LYS A 56 -0.69 -6.81 9.57
C LYS A 56 -1.54 -7.70 8.68
N ARG A 57 -2.78 -7.30 8.44
CA ARG A 57 -3.71 -8.07 7.63
C ARG A 57 -3.90 -7.39 6.28
N LEU A 58 -3.75 -8.16 5.20
CA LEU A 58 -4.00 -7.67 3.85
C LEU A 58 -5.30 -8.27 3.34
N PRO A 59 -6.42 -7.53 3.39
CA PRO A 59 -7.72 -8.11 3.01
C PRO A 59 -7.80 -8.47 1.54
N ALA A 60 -7.80 -9.76 1.24
CA ALA A 60 -7.80 -10.19 -0.14
C ALA A 60 -8.53 -11.53 -0.24
N THR A 61 -9.22 -11.72 -1.36
CA THR A 61 -9.87 -12.98 -1.69
C THR A 61 -9.12 -13.65 -2.82
N ASP A 62 -9.32 -14.96 -2.95
CA ASP A 62 -8.64 -15.74 -3.98
C ASP A 62 -9.46 -15.78 -5.27
N SER A 63 -9.70 -14.61 -5.83
CA SER A 63 -10.50 -14.47 -7.04
C SER A 63 -9.62 -14.05 -8.21
N ASN A 64 -10.22 -14.07 -9.41
CA ASN A 64 -9.53 -13.71 -10.63
C ASN A 64 -9.58 -12.22 -10.92
N LYS A 65 -10.12 -11.42 -9.99
CA LYS A 65 -10.14 -9.97 -10.13
C LYS A 65 -9.59 -9.25 -8.90
N GLN A 66 -9.09 -9.99 -7.91
CA GLN A 66 -8.54 -9.38 -6.70
C GLN A 66 -7.25 -8.62 -7.02
N ASN A 67 -7.06 -7.49 -6.36
CA ASN A 67 -5.88 -6.66 -6.56
C ASN A 67 -4.91 -6.87 -5.40
N LEU A 68 -3.74 -7.44 -5.70
CA LEU A 68 -2.67 -7.60 -4.72
C LEU A 68 -1.53 -6.61 -4.91
N ARG A 69 -1.42 -5.99 -6.09
CA ARG A 69 -0.39 -4.99 -6.32
C ARG A 69 -0.53 -3.81 -5.37
N GLN A 70 -1.76 -3.48 -4.97
CA GLN A 70 -1.99 -2.37 -4.06
C GLN A 70 -1.37 -2.59 -2.69
N TYR A 71 -1.17 -3.85 -2.29
CA TYR A 71 -0.65 -4.19 -0.98
C TYR A 71 0.85 -4.43 -0.97
N PHE A 72 1.54 -4.27 -2.10
CA PHE A 72 2.96 -4.62 -2.16
C PHE A 72 3.79 -3.69 -1.29
N GLU A 73 3.68 -2.38 -1.50
CA GLU A 73 4.48 -1.44 -0.72
C GLU A 73 4.11 -1.49 0.77
N GLU A 74 2.84 -1.77 1.08
CA GLU A 74 2.44 -1.91 2.48
C GLU A 74 3.07 -3.14 3.12
N ALA A 75 3.17 -4.24 2.36
CA ALA A 75 3.77 -5.46 2.89
C ALA A 75 5.29 -5.39 2.92
N PHE A 76 5.89 -4.62 2.02
CA PHE A 76 7.35 -4.50 2.00
C PHE A 76 7.85 -3.74 3.22
N GLU A 77 7.17 -2.64 3.56
CA GLU A 77 7.58 -1.87 4.74
C GLU A 77 7.46 -2.68 6.01
N PHE A 78 6.52 -3.62 6.05
CA PHE A 78 6.35 -4.49 7.21
C PHE A 78 7.42 -5.58 7.25
N ILE A 79 7.87 -6.06 6.09
CA ILE A 79 8.95 -7.03 6.04
C ILE A 79 10.28 -6.38 6.42
N GLU A 80 10.54 -5.18 5.91
CA GLU A 80 11.78 -4.49 6.24
C GLU A 80 11.84 -4.12 7.72
N GLU A 81 10.70 -4.01 8.40
CA GLU A 81 10.73 -3.78 9.84
C GLU A 81 11.20 -5.02 10.58
N ALA A 82 10.78 -6.20 10.14
CA ALA A 82 11.25 -7.43 10.76
C ALA A 82 12.72 -7.67 10.45
N HIS A 83 13.13 -7.41 9.19
CA HIS A 83 14.52 -7.54 8.80
C HIS A 83 15.41 -6.56 9.54
N GLN A 84 14.86 -5.41 9.93
CA GLN A 84 15.67 -4.37 10.55
C GLN A 84 16.00 -4.68 12.00
N CYS A 85 15.13 -5.43 12.69
CA CYS A 85 15.35 -5.79 14.09
C CYS A 85 15.61 -7.29 14.27
N GLY A 86 16.01 -7.99 13.20
CA GLY A 86 16.44 -9.36 13.33
C GLY A 86 15.36 -10.38 13.58
N LYS A 87 14.10 -9.98 13.58
CA LYS A 87 13.01 -10.92 13.79
C LYS A 87 12.54 -11.51 12.46
N GLY A 88 11.92 -12.68 12.56
CA GLY A 88 11.36 -13.32 11.38
C GLY A 88 9.91 -12.93 11.14
N LEU A 89 9.48 -13.09 9.90
CA LEU A 89 8.12 -12.76 9.47
C LEU A 89 7.48 -13.98 8.83
N LEU A 90 6.24 -14.29 9.24
CA LEU A 90 5.45 -15.33 8.61
C LEU A 90 4.32 -14.67 7.83
N ILE A 91 4.22 -15.03 6.55
CA ILE A 91 3.13 -14.59 5.69
C ILE A 91 2.38 -15.82 5.22
N HIS A 92 1.05 -15.79 5.32
CA HIS A 92 0.25 -16.99 5.06
C HIS A 92 -1.12 -16.59 4.54
N CYS A 93 -1.80 -17.57 3.96
CA CYS A 93 -3.21 -17.42 3.61
C CYS A 93 -3.91 -18.76 3.78
N GLN A 94 -4.22 -19.43 2.67
CA GLN A 94 -4.89 -20.73 2.75
C GLN A 94 -4.11 -21.82 2.01
N ALA A 95 -4.74 -22.98 1.83
CA ALA A 95 -4.05 -24.18 1.34
C ALA A 95 -3.26 -23.93 0.06
N GLY A 96 -3.85 -23.21 -0.90
CA GLY A 96 -3.17 -22.99 -2.17
C GLY A 96 -1.95 -22.09 -2.09
N VAL A 97 -1.77 -21.38 -0.98
CA VAL A 97 -0.75 -20.36 -0.76
C VAL A 97 -0.57 -19.46 -1.98
N SER A 98 -1.64 -19.23 -2.73
CA SER A 98 -1.55 -18.36 -3.90
C SER A 98 -1.30 -16.91 -3.49
N ARG A 99 -2.11 -16.39 -2.57
CA ARG A 99 -2.02 -14.99 -2.19
C ARG A 99 -0.72 -14.68 -1.47
N SER A 100 -0.31 -15.55 -0.54
CA SER A 100 0.91 -15.26 0.22
C SER A 100 2.15 -15.46 -0.64
N ALA A 101 2.14 -16.46 -1.54
CA ALA A 101 3.29 -16.66 -2.41
C ALA A 101 3.44 -15.53 -3.43
N THR A 102 2.34 -14.89 -3.80
CA THR A 102 2.42 -13.75 -4.70
C THR A 102 3.23 -12.61 -4.07
N ILE A 103 3.06 -12.41 -2.78
CA ILE A 103 3.76 -11.32 -2.09
C ILE A 103 5.22 -11.69 -1.87
N VAL A 104 5.49 -12.95 -1.54
CA VAL A 104 6.85 -13.41 -1.34
C VAL A 104 7.66 -13.27 -2.61
N ILE A 105 7.07 -13.66 -3.74
CA ILE A 105 7.76 -13.52 -5.03
C ILE A 105 8.01 -12.05 -5.33
N ALA A 106 7.00 -11.21 -5.14
CA ALA A 106 7.15 -9.78 -5.42
C ALA A 106 8.25 -9.17 -4.59
N TYR A 107 8.42 -9.64 -3.35
CA TYR A 107 9.51 -9.14 -2.51
C TYR A 107 10.87 -9.56 -3.06
N LEU A 108 10.99 -10.82 -3.47
CA LEU A 108 12.25 -11.30 -4.05
C LEU A 108 12.59 -10.56 -5.32
N MET A 109 11.59 -10.07 -6.06
CA MET A 109 11.87 -9.31 -7.27
C MET A 109 12.40 -7.92 -6.96
N LYS A 110 11.92 -7.29 -5.88
CA LYS A 110 12.29 -5.91 -5.62
C LYS A 110 13.61 -5.78 -4.85
N HIS A 111 13.75 -6.51 -3.73
CA HIS A 111 14.91 -6.32 -2.87
C HIS A 111 16.03 -7.34 -3.12
N THR A 112 15.76 -8.40 -3.88
CA THR A 112 16.80 -9.32 -4.31
C THR A 112 17.15 -9.14 -5.78
N ARG A 113 16.35 -8.36 -6.51
CA ARG A 113 16.60 -8.05 -7.92
C ARG A 113 16.64 -9.31 -8.77
N MET A 114 15.79 -10.28 -8.43
CA MET A 114 15.61 -11.46 -9.26
C MET A 114 14.54 -11.18 -10.31
N THR A 115 14.60 -11.96 -11.38
CA THR A 115 13.51 -11.93 -12.34
C THR A 115 12.33 -12.73 -11.79
N MET A 116 11.17 -12.56 -12.42
CA MET A 116 9.98 -13.23 -11.93
C MET A 116 10.09 -14.74 -12.05
N THR A 117 10.58 -15.24 -13.19
CA THR A 117 10.68 -16.68 -13.37
C THR A 117 11.70 -17.29 -12.43
N ASP A 118 12.82 -16.60 -12.21
CA ASP A 118 13.82 -17.11 -11.27
C ASP A 118 13.30 -17.08 -9.84
N ALA A 119 12.56 -16.03 -9.49
CA ALA A 119 11.97 -15.95 -8.15
C ALA A 119 10.88 -16.99 -7.98
N TYR A 120 10.16 -17.32 -9.05
CA TYR A 120 9.13 -18.36 -8.94
C TYR A 120 9.77 -19.74 -8.79
N LYS A 121 10.80 -20.03 -9.59
CA LYS A 121 11.49 -21.30 -9.45
C LYS A 121 12.15 -21.44 -8.09
N PHE A 122 12.53 -20.32 -7.47
CA PHE A 122 13.13 -20.37 -6.14
C PHE A 122 12.11 -20.73 -5.08
N VAL A 123 10.93 -20.09 -5.11
CA VAL A 123 9.90 -20.37 -4.11
C VAL A 123 9.29 -21.75 -4.32
N LYS A 124 9.04 -22.12 -5.57
CA LYS A 124 8.43 -23.42 -5.87
C LYS A 124 9.31 -24.56 -5.40
N GLY A 125 10.63 -24.40 -5.43
CA GLY A 125 11.54 -25.43 -4.95
C GLY A 125 11.49 -25.65 -3.46
N LYS A 126 11.06 -24.66 -2.70
CA LYS A 126 10.97 -24.79 -1.25
C LYS A 126 9.57 -25.18 -0.79
N ARG A 127 8.53 -24.66 -1.42
CA ARG A 127 7.15 -25.05 -1.15
C ARG A 127 6.56 -25.57 -2.46
N PRO A 128 6.53 -26.89 -2.67
CA PRO A 128 6.14 -27.40 -4.00
C PRO A 128 4.68 -27.21 -4.35
N ILE A 129 3.78 -27.11 -3.37
CA ILE A 129 2.35 -27.02 -3.65
C ILE A 129 1.96 -25.55 -3.66
N ILE A 130 1.82 -24.99 -4.87
CA ILE A 130 1.38 -23.61 -5.07
C ILE A 130 0.27 -23.64 -6.11
N SER A 131 -0.93 -23.25 -5.70
CA SER A 131 -2.05 -23.22 -6.63
C SER A 131 -1.88 -22.06 -7.60
N PRO A 132 -2.08 -22.25 -8.89
CA PRO A 132 -1.88 -21.17 -9.85
C PRO A 132 -3.04 -20.19 -9.87
N ASN A 133 -2.71 -18.93 -10.18
CA ASN A 133 -3.70 -17.86 -10.29
C ASN A 133 -3.22 -16.92 -11.38
N LEU A 134 -3.88 -16.98 -12.55
CA LEU A 134 -3.42 -16.18 -13.68
C LEU A 134 -3.53 -14.69 -13.41
N ASN A 135 -4.47 -14.28 -12.57
CA ASN A 135 -4.61 -12.86 -12.26
C ASN A 135 -3.39 -12.33 -11.52
N PHE A 136 -2.93 -13.07 -10.51
CA PHE A 136 -1.76 -12.63 -9.75
C PHE A 136 -0.50 -12.69 -10.59
N MET A 137 -0.40 -13.67 -11.50
CA MET A 137 0.75 -13.74 -12.40
C MET A 137 0.85 -12.50 -13.26
N GLY A 138 -0.28 -12.04 -13.80
CA GLY A 138 -0.27 -10.82 -14.58
C GLY A 138 0.13 -9.61 -13.78
N GLN A 139 -0.20 -9.60 -12.48
CA GLN A 139 0.21 -8.48 -11.64
C GLN A 139 1.69 -8.53 -11.33
N LEU A 140 2.25 -9.74 -11.19
CA LEU A 140 3.70 -9.85 -11.00
C LEU A 140 4.44 -9.51 -12.29
N LEU A 141 3.88 -9.87 -13.44
CA LEU A 141 4.52 -9.58 -14.71
C LEU A 141 4.54 -8.08 -14.97
N GLU A 142 3.43 -7.39 -14.70
CA GLU A 142 3.41 -5.94 -14.84
C GLU A 142 4.26 -5.27 -13.77
N PHE A 143 4.34 -5.85 -12.58
CA PHE A 143 5.21 -5.32 -11.54
C PHE A 143 6.67 -5.53 -11.90
N GLU A 144 7.01 -6.66 -12.52
CA GLU A 144 8.38 -6.87 -13.00
C GLU A 144 8.74 -5.84 -14.06
N GLU A 145 7.78 -5.46 -14.90
CA GLU A 145 8.06 -4.48 -15.95
C GLU A 145 8.17 -3.07 -15.38
N ASP A 146 7.50 -2.81 -14.25
CA ASP A 146 7.67 -1.51 -13.61
C ASP A 146 8.98 -1.42 -12.84
N LEU A 147 9.51 -2.55 -12.37
CA LEU A 147 10.82 -2.53 -11.72
C LEU A 147 11.93 -2.30 -12.73
N ASN A 148 11.79 -2.85 -13.94
CA ASN A 148 12.76 -2.67 -15.00
C ASN A 148 12.70 -1.29 -15.64
N ASN A 149 11.67 -0.50 -15.37
CA ASN A 149 11.58 0.85 -15.89
C ASN A 149 11.75 1.92 -14.81
N GLY A 150 11.43 1.60 -13.55
CA GLY A 150 11.59 2.56 -12.48
C GLY A 150 10.28 3.05 -11.88
N VAL A 151 9.45 2.13 -11.41
CA VAL A 151 8.20 2.50 -10.74
C VAL A 151 8.04 1.68 -9.46
N ALA B 5 -27.16 -17.16 23.65
CA ALA B 5 -27.40 -16.96 22.23
C ALA B 5 -28.53 -15.96 22.00
N GLU B 6 -28.22 -14.67 22.17
CA GLU B 6 -29.22 -13.60 22.11
C GLU B 6 -28.74 -12.50 21.17
N LEU B 7 -29.16 -12.57 19.91
CA LEU B 7 -28.96 -11.46 18.98
C LEU B 7 -30.00 -10.38 19.29
N THR B 8 -29.53 -9.19 19.63
CA THR B 8 -30.44 -8.12 20.01
C THR B 8 -31.00 -7.44 18.76
N PRO B 9 -32.31 -7.37 18.60
CA PRO B 9 -32.86 -6.67 17.43
C PRO B 9 -33.08 -5.19 17.70
N ILE B 10 -32.15 -4.36 17.23
CA ILE B 10 -32.29 -2.91 17.39
C ILE B 10 -33.43 -2.39 16.53
N LEU B 11 -33.29 -2.53 15.21
CA LEU B 11 -34.33 -2.24 14.24
C LEU B 11 -34.79 -3.56 13.61
N PRO B 12 -35.93 -3.56 12.91
CA PRO B 12 -36.42 -4.80 12.29
C PRO B 12 -35.40 -5.49 11.38
N PHE B 13 -34.42 -4.73 10.89
CA PHE B 13 -33.41 -5.27 10.00
C PHE B 13 -31.99 -5.16 10.55
N LEU B 14 -31.80 -4.59 11.74
CA LEU B 14 -30.49 -4.38 12.33
C LEU B 14 -30.36 -5.18 13.62
N PHE B 15 -29.28 -5.95 13.74
CA PHE B 15 -29.08 -6.82 14.88
C PHE B 15 -27.69 -6.60 15.46
N LEU B 16 -27.62 -6.61 16.79
CA LEU B 16 -26.40 -6.32 17.53
C LEU B 16 -26.01 -7.53 18.37
N GLY B 17 -24.72 -7.85 18.38
CA GLY B 17 -24.27 -9.01 19.12
C GLY B 17 -22.78 -8.98 19.39
N ASN B 18 -22.27 -10.13 19.81
CA ASN B 18 -20.86 -10.26 20.15
C ASN B 18 -20.25 -11.50 19.53
N GLU B 19 -19.00 -11.79 19.89
CA GLU B 19 -18.29 -12.94 19.34
C GLU B 19 -19.11 -14.22 19.45
N GLN B 20 -19.75 -14.44 20.61
CA GLN B 20 -20.51 -15.67 20.81
C GLN B 20 -21.83 -15.64 20.03
N ASP B 21 -22.49 -14.48 19.97
CA ASP B 21 -23.78 -14.41 19.29
C ASP B 21 -23.64 -14.58 17.78
N ALA B 22 -22.51 -14.18 17.21
CA ALA B 22 -22.33 -14.26 15.76
C ALA B 22 -21.99 -15.66 15.28
N GLN B 23 -21.73 -16.60 16.19
CA GLN B 23 -21.42 -17.97 15.84
C GLN B 23 -22.65 -18.87 15.82
N ASP B 24 -23.83 -18.33 16.09
CA ASP B 24 -25.07 -19.12 16.07
C ASP B 24 -25.65 -19.06 14.67
N LEU B 25 -25.42 -20.12 13.88
CA LEU B 25 -25.87 -20.14 12.50
C LEU B 25 -27.37 -20.38 12.39
N ASP B 26 -27.92 -21.23 13.25
CA ASP B 26 -29.35 -21.55 13.17
C ASP B 26 -30.20 -20.32 13.47
N THR B 27 -29.77 -19.48 14.41
CA THR B 27 -30.52 -18.29 14.76
C THR B 27 -30.47 -17.25 13.64
N MET B 28 -29.31 -17.09 13.01
CA MET B 28 -29.17 -16.08 11.97
C MET B 28 -30.05 -16.37 10.75
N GLN B 29 -30.26 -17.64 10.41
CA GLN B 29 -31.13 -17.94 9.29
C GLN B 29 -32.61 -17.80 9.65
N ARG B 30 -32.98 -18.05 10.92
CA ARG B 30 -34.35 -17.83 11.35
C ARG B 30 -34.73 -16.36 11.34
N LEU B 31 -33.75 -15.46 11.43
CA LEU B 31 -34.01 -14.02 11.43
C LEU B 31 -33.78 -13.39 10.06
N ASN B 32 -33.47 -14.20 9.04
CA ASN B 32 -33.30 -13.72 7.66
C ASN B 32 -32.18 -12.67 7.58
N ILE B 33 -31.01 -13.03 8.12
CA ILE B 33 -29.83 -12.17 8.09
C ILE B 33 -28.94 -12.60 6.93
N GLY B 34 -28.51 -11.63 6.13
CA GLY B 34 -27.67 -11.92 4.98
C GLY B 34 -26.42 -11.07 4.89
N TYR B 35 -26.28 -10.09 5.78
CA TYR B 35 -25.13 -9.20 5.81
C TYR B 35 -24.59 -9.16 7.23
N VAL B 36 -23.26 -9.14 7.34
CA VAL B 36 -22.58 -9.19 8.64
C VAL B 36 -21.46 -8.16 8.66
N ILE B 37 -21.41 -7.36 9.72
CA ILE B 37 -20.31 -6.42 9.94
C ILE B 37 -19.52 -6.89 11.16
N ASN B 38 -18.24 -7.17 10.96
CA ASN B 38 -17.33 -7.61 12.01
C ASN B 38 -16.41 -6.44 12.36
N VAL B 39 -16.56 -5.89 13.57
CA VAL B 39 -15.82 -4.70 13.95
C VAL B 39 -14.61 -5.10 14.79
N THR B 40 -13.83 -6.07 14.29
CA THR B 40 -12.62 -6.51 14.97
C THR B 40 -11.51 -6.66 13.95
N THR B 41 -10.28 -6.71 14.45
CA THR B 41 -9.12 -6.97 13.60
C THR B 41 -8.70 -8.44 13.59
N HIS B 42 -9.09 -9.21 14.61
CA HIS B 42 -8.55 -10.55 14.83
C HIS B 42 -9.59 -11.65 14.78
N LEU B 43 -10.87 -11.34 14.96
CA LEU B 43 -11.89 -12.38 14.96
C LEU B 43 -12.15 -12.86 13.53
N PRO B 44 -12.41 -14.15 13.34
CA PRO B 44 -12.72 -14.64 12.00
C PRO B 44 -14.11 -14.21 11.55
N LEU B 45 -14.29 -14.20 10.23
CA LEU B 45 -15.62 -14.00 9.64
C LEU B 45 -16.34 -15.34 9.76
N TYR B 46 -17.21 -15.46 10.75
CA TYR B 46 -17.81 -16.73 11.06
C TYR B 46 -18.72 -17.21 9.93
N HIS B 47 -18.64 -18.51 9.64
CA HIS B 47 -19.45 -19.15 8.59
C HIS B 47 -19.17 -18.54 7.22
N TYR B 48 -17.90 -18.20 6.97
CA TYR B 48 -17.51 -17.61 5.69
C TYR B 48 -17.41 -18.68 4.60
N GLU B 49 -16.84 -19.84 4.93
CA GLU B 49 -16.66 -20.90 3.94
C GLU B 49 -17.99 -21.46 3.43
N LYS B 50 -19.09 -21.22 4.13
CA LYS B 50 -20.39 -21.71 3.67
C LYS B 50 -21.01 -20.81 2.60
N GLY B 51 -20.52 -19.58 2.46
CA GLY B 51 -21.02 -18.70 1.41
C GLY B 51 -22.47 -18.33 1.57
N LEU B 52 -22.90 -18.04 2.79
CA LEU B 52 -24.30 -17.72 3.06
C LEU B 52 -24.55 -16.23 3.27
N PHE B 53 -23.53 -15.47 3.65
CA PHE B 53 -23.71 -14.06 3.96
C PHE B 53 -22.72 -13.22 3.18
N ASN B 54 -22.99 -11.92 3.14
CA ASN B 54 -22.05 -10.93 2.64
C ASN B 54 -21.40 -10.23 3.82
N TYR B 55 -20.08 -10.14 3.80
CA TYR B 55 -19.31 -9.67 4.94
C TYR B 55 -18.66 -8.33 4.65
N LYS B 56 -18.62 -7.48 5.67
CA LYS B 56 -17.80 -6.27 5.67
C LYS B 56 -17.10 -6.20 7.00
N ARG B 57 -15.77 -6.10 6.98
CA ARG B 57 -14.97 -6.05 8.19
C ARG B 57 -14.44 -4.64 8.40
N LEU B 58 -14.65 -4.11 9.61
CA LEU B 58 -14.10 -2.81 10.00
C LEU B 58 -12.96 -3.02 10.99
N PRO B 59 -11.70 -2.98 10.56
CA PRO B 59 -10.60 -3.30 11.46
C PRO B 59 -10.44 -2.29 12.58
N ALA B 60 -10.79 -2.68 13.80
CA ALA B 60 -10.74 -1.78 14.94
C ALA B 60 -10.44 -2.58 16.20
N THR B 61 -9.69 -1.97 17.10
CA THR B 61 -9.39 -2.55 18.40
C THR B 61 -10.15 -1.81 19.49
N ASP B 62 -10.27 -2.45 20.64
CA ASP B 62 -11.00 -1.88 21.77
C ASP B 62 -10.07 -1.07 22.66
N SER B 63 -9.45 -0.06 22.05
CA SER B 63 -8.51 0.81 22.75
C SER B 63 -9.08 2.22 22.88
N ASN B 64 -8.37 3.04 23.65
CA ASN B 64 -8.75 4.43 23.87
C ASN B 64 -8.20 5.36 22.79
N LYS B 65 -7.60 4.82 21.75
CA LYS B 65 -7.07 5.61 20.65
C LYS B 65 -7.61 5.17 19.29
N GLN B 66 -8.52 4.21 19.24
CA GLN B 66 -9.09 3.74 17.99
C GLN B 66 -9.97 4.81 17.34
N ASN B 67 -9.88 4.90 16.01
CA ASN B 67 -10.70 5.83 15.24
C ASN B 67 -11.84 5.04 14.60
N LEU B 68 -13.07 5.31 15.03
CA LEU B 68 -14.25 4.67 14.45
C LEU B 68 -15.05 5.58 13.54
N ARG B 69 -14.86 6.90 13.62
CA ARG B 69 -15.58 7.82 12.74
C ARG B 69 -15.26 7.54 11.27
N GLN B 70 -14.05 7.06 10.97
CA GLN B 70 -13.67 6.77 9.60
C GLN B 70 -14.51 5.66 8.98
N TYR B 71 -15.09 4.77 9.79
CA TYR B 71 -15.86 3.64 9.31
C TYR B 71 -17.36 3.90 9.25
N PHE B 72 -17.81 5.10 9.62
CA PHE B 72 -19.25 5.34 9.73
C PHE B 72 -19.92 5.30 8.37
N GLU B 73 -19.45 6.12 7.42
CA GLU B 73 -20.08 6.14 6.11
C GLU B 73 -19.95 4.80 5.39
N GLU B 74 -18.84 4.09 5.62
CA GLU B 74 -18.69 2.76 5.05
C GLU B 74 -19.69 1.78 5.65
N ALA B 75 -19.97 1.91 6.95
CA ALA B 75 -20.95 1.04 7.59
C ALA B 75 -22.38 1.45 7.31
N PHE B 76 -22.63 2.74 7.07
CA PHE B 76 -24.00 3.18 6.78
C PHE B 76 -24.45 2.70 5.41
N GLU B 77 -23.59 2.85 4.39
CA GLU B 77 -23.93 2.39 3.05
C GLU B 77 -24.10 0.88 3.01
N PHE B 78 -23.38 0.15 3.86
CA PHE B 78 -23.55 -1.29 3.91
C PHE B 78 -24.84 -1.67 4.62
N ILE B 79 -25.28 -0.89 5.60
CA ILE B 79 -26.57 -1.13 6.24
C ILE B 79 -27.70 -0.83 5.26
N GLU B 80 -27.59 0.28 4.53
CA GLU B 80 -28.61 0.62 3.55
C GLU B 80 -28.64 -0.40 2.41
N GLU B 81 -27.56 -1.13 2.19
CA GLU B 81 -27.57 -2.20 1.21
C GLU B 81 -28.41 -3.38 1.71
N ALA B 82 -28.32 -3.67 3.01
CA ALA B 82 -29.14 -4.75 3.57
C ALA B 82 -30.61 -4.36 3.61
N HIS B 83 -30.91 -3.11 3.98
CA HIS B 83 -32.31 -2.67 4.03
C HIS B 83 -32.95 -2.66 2.65
N GLN B 84 -32.16 -2.40 1.60
CA GLN B 84 -32.69 -2.30 0.24
C GLN B 84 -32.99 -3.66 -0.37
N CYS B 85 -32.33 -4.72 0.11
CA CYS B 85 -32.51 -6.07 -0.45
C CYS B 85 -33.32 -6.96 0.49
N GLY B 86 -34.03 -6.37 1.45
CA GLY B 86 -34.94 -7.12 2.28
C GLY B 86 -34.27 -8.06 3.28
N LYS B 87 -32.95 -8.09 3.32
CA LYS B 87 -32.20 -8.94 4.23
C LYS B 87 -31.90 -8.20 5.52
N GLY B 88 -31.66 -8.95 6.59
CA GLY B 88 -31.25 -8.37 7.84
C GLY B 88 -29.74 -8.27 7.95
N LEU B 89 -29.27 -7.36 8.80
CA LEU B 89 -27.85 -7.15 8.99
C LEU B 89 -27.50 -7.33 10.46
N LEU B 90 -26.45 -8.10 10.72
CA LEU B 90 -25.90 -8.29 12.05
C LEU B 90 -24.56 -7.59 12.15
N ILE B 91 -24.41 -6.73 13.15
CA ILE B 91 -23.15 -6.07 13.45
C ILE B 91 -22.72 -6.50 14.84
N HIS B 92 -21.44 -6.89 14.98
CA HIS B 92 -20.97 -7.48 16.21
C HIS B 92 -19.49 -7.17 16.39
N CYS B 93 -19.00 -7.39 17.61
CA CYS B 93 -17.56 -7.40 17.87
C CYS B 93 -17.26 -8.44 18.94
N GLN B 94 -16.95 -7.99 20.16
CA GLN B 94 -16.61 -8.89 21.25
C GLN B 94 -17.53 -8.64 22.45
N ALA B 95 -17.17 -9.22 23.59
CA ALA B 95 -18.05 -9.26 24.76
C ALA B 95 -18.59 -7.88 25.13
N GLY B 96 -17.74 -6.86 25.11
CA GLY B 96 -18.20 -5.54 25.53
C GLY B 96 -19.20 -4.87 24.61
N VAL B 97 -19.38 -5.39 23.39
CA VAL B 97 -20.17 -4.79 22.30
C VAL B 97 -19.95 -3.28 22.23
N SER B 98 -18.76 -2.83 22.61
CA SER B 98 -18.45 -1.39 22.58
C SER B 98 -18.37 -0.87 21.15
N ARG B 99 -17.58 -1.53 20.31
CA ARG B 99 -17.33 -1.04 18.96
C ARG B 99 -18.58 -1.11 18.10
N SER B 100 -19.33 -2.21 18.19
CA SER B 100 -20.50 -2.37 17.33
C SER B 100 -21.65 -1.46 17.77
N ALA B 101 -21.81 -1.25 19.08
CA ALA B 101 -22.87 -0.37 19.56
C ALA B 101 -22.60 1.09 19.19
N THR B 102 -21.32 1.48 19.09
CA THR B 102 -21.00 2.83 18.67
C THR B 102 -21.49 3.09 17.24
N ILE B 103 -21.38 2.10 16.37
CA ILE B 103 -21.79 2.27 14.98
C ILE B 103 -23.31 2.25 14.86
N VAL B 104 -23.98 1.39 15.63
CA VAL B 104 -25.44 1.34 15.61
C VAL B 104 -26.02 2.66 16.08
N ILE B 105 -25.45 3.24 17.15
CA ILE B 105 -25.93 4.53 17.63
C ILE B 105 -25.71 5.59 16.57
N ALA B 106 -24.52 5.61 15.97
CA ALA B 106 -24.24 6.60 14.93
C ALA B 106 -25.21 6.49 13.77
N TYR B 107 -25.66 5.27 13.47
CA TYR B 107 -26.66 5.09 12.42
C TYR B 107 -28.00 5.66 12.85
N LEU B 108 -28.42 5.39 14.09
CA LEU B 108 -29.69 5.92 14.58
C LEU B 108 -29.68 7.44 14.63
N MET B 109 -28.52 8.06 14.82
CA MET B 109 -28.47 9.51 14.86
C MET B 109 -28.64 10.12 13.48
N LYS B 110 -28.12 9.46 12.45
CA LYS B 110 -28.13 10.02 11.10
C LYS B 110 -29.43 9.73 10.36
N HIS B 111 -29.88 8.47 10.38
CA HIS B 111 -31.03 8.08 9.56
C HIS B 111 -32.35 8.08 10.33
N THR B 112 -32.31 8.17 11.66
CA THR B 112 -33.53 8.36 12.44
C THR B 112 -33.62 9.76 13.04
N ARG B 113 -32.55 10.55 12.95
CA ARG B 113 -32.52 11.93 13.46
C ARG B 113 -32.81 11.97 14.96
N MET B 114 -32.29 10.99 15.68
CA MET B 114 -32.35 11.00 17.14
C MET B 114 -31.15 11.76 17.68
N THR B 115 -31.28 12.25 18.91
CA THR B 115 -30.14 12.81 19.60
C THR B 115 -29.27 11.68 20.15
N MET B 116 -28.05 12.04 20.55
CA MET B 116 -27.12 11.03 21.04
C MET B 116 -27.63 10.36 22.31
N THR B 117 -28.17 11.15 23.24
CA THR B 117 -28.69 10.57 24.48
C THR B 117 -29.91 9.71 24.22
N ASP B 118 -30.79 10.14 23.31
CA ASP B 118 -31.98 9.34 22.99
C ASP B 118 -31.59 8.05 22.27
N ALA B 119 -30.61 8.13 21.37
CA ALA B 119 -30.15 6.93 20.67
C ALA B 119 -29.45 5.95 21.61
N TYR B 120 -28.75 6.46 22.64
CA TYR B 120 -28.12 5.57 23.61
C TYR B 120 -29.16 4.90 24.49
N LYS B 121 -30.12 5.67 25.00
CA LYS B 121 -31.17 5.08 25.83
C LYS B 121 -32.00 4.07 25.05
N PHE B 122 -32.08 4.24 23.72
CA PHE B 122 -32.80 3.28 22.89
C PHE B 122 -32.05 1.96 22.84
N VAL B 123 -30.74 2.02 22.58
CA VAL B 123 -29.93 0.81 22.46
C VAL B 123 -29.74 0.16 23.83
N LYS B 124 -29.46 0.96 24.86
CA LYS B 124 -29.25 0.42 26.20
C LYS B 124 -30.50 -0.28 26.73
N GLY B 125 -31.69 0.20 26.35
CA GLY B 125 -32.91 -0.43 26.80
C GLY B 125 -33.16 -1.80 26.20
N LYS B 126 -32.57 -2.10 25.05
CA LYS B 126 -32.71 -3.39 24.40
C LYS B 126 -31.55 -4.32 24.71
N ARG B 127 -30.33 -3.79 24.79
CA ARG B 127 -29.16 -4.54 25.21
C ARG B 127 -28.56 -3.87 26.43
N PRO B 128 -28.88 -4.34 27.64
CA PRO B 128 -28.44 -3.63 28.85
C PRO B 128 -26.93 -3.72 29.12
N ILE B 129 -26.25 -4.74 28.63
CA ILE B 129 -24.82 -4.91 28.89
C ILE B 129 -24.06 -4.23 27.77
N ILE B 130 -23.60 -3.01 28.03
CA ILE B 130 -22.80 -2.24 27.09
C ILE B 130 -21.59 -1.71 27.84
N SER B 131 -20.40 -2.16 27.45
CA SER B 131 -19.19 -1.69 28.10
C SER B 131 -18.93 -0.25 27.68
N PRO B 132 -18.61 0.65 28.60
CA PRO B 132 -18.38 2.04 28.24
C PRO B 132 -16.99 2.24 27.66
N ASN B 133 -16.88 3.23 26.77
CA ASN B 133 -15.60 3.59 26.17
C ASN B 133 -15.61 5.09 25.97
N LEU B 134 -14.84 5.80 26.80
CA LEU B 134 -14.84 7.26 26.78
C LEU B 134 -14.38 7.79 25.42
N ASN B 135 -13.49 7.05 24.75
CA ASN B 135 -13.01 7.47 23.44
C ASN B 135 -14.12 7.43 22.39
N PHE B 136 -14.90 6.35 22.36
CA PHE B 136 -15.98 6.25 21.39
C PHE B 136 -17.10 7.23 21.69
N MET B 137 -17.33 7.53 22.98
CA MET B 137 -18.34 8.51 23.35
C MET B 137 -18.00 9.88 22.79
N GLY B 138 -16.71 10.26 22.87
CA GLY B 138 -16.30 11.54 22.33
C GLY B 138 -16.45 11.65 20.83
N GLN B 139 -16.33 10.52 20.12
CA GLN B 139 -16.51 10.53 18.67
C GLN B 139 -17.97 10.69 18.28
N LEU B 140 -18.88 10.15 19.10
CA LEU B 140 -20.30 10.36 18.82
C LEU B 140 -20.72 11.81 19.05
N LEU B 141 -20.10 12.48 20.03
CA LEU B 141 -20.45 13.87 20.30
C LEU B 141 -20.03 14.78 19.16
N GLU B 142 -18.83 14.55 18.60
CA GLU B 142 -18.43 15.32 17.42
C GLU B 142 -19.25 14.96 16.20
N PHE B 143 -19.67 13.70 16.08
CA PHE B 143 -20.54 13.31 14.98
C PHE B 143 -21.93 13.94 15.14
N GLU B 144 -22.42 14.02 16.37
CA GLU B 144 -23.69 14.68 16.63
C GLU B 144 -23.61 16.17 16.28
N GLU B 145 -22.47 16.80 16.54
CA GLU B 145 -22.32 18.21 16.24
C GLU B 145 -22.18 18.46 14.75
N ASP B 146 -21.64 17.49 14.00
CA ASP B 146 -21.55 17.63 12.56
C ASP B 146 -22.89 17.38 11.86
N LEU B 147 -23.77 16.61 12.49
CA LEU B 147 -25.10 16.41 11.93
C LEU B 147 -25.95 17.68 12.05
N ASN B 148 -25.77 18.44 13.13
CA ASN B 148 -26.53 19.67 13.32
C ASN B 148 -26.06 20.79 12.39
N ASN B 149 -24.90 20.65 11.76
CA ASN B 149 -24.41 21.62 10.80
C ASN B 149 -24.38 21.09 9.36
N GLY B 150 -24.31 19.78 9.17
CA GLY B 150 -24.28 19.19 7.84
C GLY B 150 -22.96 18.54 7.51
N ALA C 5 39.36 -21.58 13.59
CA ALA C 5 38.48 -20.43 13.44
C ALA C 5 37.22 -20.60 14.27
N GLU C 6 37.27 -20.14 15.52
CA GLU C 6 36.17 -20.31 16.46
C GLU C 6 35.89 -18.98 17.17
N LEU C 7 34.64 -18.84 17.63
CA LEU C 7 34.23 -17.67 18.38
C LEU C 7 34.63 -17.84 19.85
N THR C 8 35.43 -16.91 20.36
CA THR C 8 35.91 -17.00 21.73
C THR C 8 34.82 -16.53 22.70
N PRO C 9 34.40 -17.36 23.66
CA PRO C 9 33.38 -16.92 24.63
C PRO C 9 33.99 -16.26 25.86
N ILE C 10 33.95 -14.92 25.89
CA ILE C 10 34.43 -14.19 27.05
C ILE C 10 33.49 -14.40 28.24
N LEU C 11 32.24 -13.95 28.11
CA LEU C 11 31.17 -14.21 29.05
C LEU C 11 30.16 -15.16 28.40
N PRO C 12 29.26 -15.77 29.20
CA PRO C 12 28.28 -16.70 28.61
C PRO C 12 27.46 -16.11 27.47
N PHE C 13 27.36 -14.77 27.41
CA PHE C 13 26.60 -14.09 26.38
C PHE C 13 27.44 -13.16 25.51
N LEU C 14 28.73 -13.00 25.80
CA LEU C 14 29.58 -12.08 25.06
C LEU C 14 30.69 -12.88 24.37
N PHE C 15 30.84 -12.66 23.06
CA PHE C 15 31.76 -13.44 22.24
C PHE C 15 32.66 -12.52 21.43
N LEU C 16 33.93 -12.90 21.32
CA LEU C 16 34.94 -12.12 20.64
C LEU C 16 35.52 -12.91 19.47
N GLY C 17 35.71 -12.23 18.34
CA GLY C 17 36.24 -12.88 17.16
C GLY C 17 36.74 -11.88 16.14
N ASN C 18 36.99 -12.38 14.94
CA ASN C 18 37.51 -11.54 13.87
C ASN C 18 36.72 -11.75 12.57
N GLU C 19 37.19 -11.14 11.48
CA GLU C 19 36.52 -11.25 10.19
C GLU C 19 36.24 -12.71 9.83
N GLN C 20 37.21 -13.60 10.05
CA GLN C 20 37.02 -15.00 9.71
C GLN C 20 36.05 -15.68 10.67
N ASP C 21 36.12 -15.33 11.95
CA ASP C 21 35.26 -15.97 12.94
C ASP C 21 33.80 -15.56 12.77
N ALA C 22 33.55 -14.35 12.28
CA ALA C 22 32.19 -13.85 12.16
C ALA C 22 31.45 -14.37 10.94
N GLN C 23 32.14 -15.05 10.02
CA GLN C 23 31.51 -15.59 8.83
C GLN C 23 31.01 -17.02 9.00
N ASP C 24 31.15 -17.61 10.19
CA ASP C 24 30.68 -18.97 10.44
C ASP C 24 29.23 -18.87 10.92
N LEU C 25 28.29 -19.09 10.00
CA LEU C 25 26.88 -18.89 10.33
C LEU C 25 26.33 -20.05 11.16
N ASP C 26 26.74 -21.27 10.83
CA ASP C 26 26.23 -22.43 11.58
C ASP C 26 26.67 -22.39 13.03
N THR C 27 27.91 -21.95 13.28
CA THR C 27 28.42 -21.89 14.64
C THR C 27 27.73 -20.80 15.44
N MET C 28 27.45 -19.65 14.81
CA MET C 28 26.79 -18.56 15.52
C MET C 28 25.37 -18.95 15.92
N GLN C 29 24.70 -19.76 15.11
CA GLN C 29 23.37 -20.23 15.48
C GLN C 29 23.43 -21.35 16.52
N ARG C 30 24.49 -22.16 16.51
CA ARG C 30 24.65 -23.19 17.53
C ARG C 30 24.91 -22.58 18.90
N LEU C 31 25.42 -21.35 18.96
CA LEU C 31 25.70 -20.65 20.21
C LEU C 31 24.61 -19.66 20.58
N ASN C 32 23.51 -19.62 19.81
CA ASN C 32 22.36 -18.77 20.09
C ASN C 32 22.74 -17.29 20.16
N ILE C 33 23.42 -16.82 19.13
CA ILE C 33 23.84 -15.42 19.00
C ILE C 33 22.81 -14.70 18.14
N GLY C 34 22.38 -13.52 18.59
CA GLY C 34 21.40 -12.75 17.85
C GLY C 34 21.79 -11.30 17.64
N TYR C 35 22.93 -10.89 18.19
CA TYR C 35 23.41 -9.52 18.10
C TYR C 35 24.86 -9.52 17.63
N VAL C 36 25.21 -8.54 16.80
CA VAL C 36 26.54 -8.45 16.22
C VAL C 36 27.01 -7.00 16.26
N ILE C 37 28.22 -6.78 16.76
CA ILE C 37 28.87 -5.47 16.75
C ILE C 37 30.06 -5.57 15.81
N ASN C 38 30.05 -4.76 14.76
CA ASN C 38 31.14 -4.71 13.78
C ASN C 38 31.92 -3.43 14.02
N VAL C 39 33.17 -3.55 14.48
CA VAL C 39 33.95 -2.37 14.84
C VAL C 39 34.91 -2.03 13.71
N THR C 40 34.40 -1.95 12.48
CA THR C 40 35.19 -1.59 11.32
C THR C 40 34.43 -0.61 10.45
N THR C 41 35.15 0.09 9.58
CA THR C 41 34.54 0.98 8.61
C THR C 41 34.32 0.33 7.26
N HIS C 42 35.05 -0.75 6.95
CA HIS C 42 35.07 -1.30 5.60
C HIS C 42 34.56 -2.72 5.50
N LEU C 43 34.51 -3.47 6.59
CA LEU C 43 34.02 -4.84 6.51
C LEU C 43 32.51 -4.85 6.36
N PRO C 44 31.96 -5.76 5.56
CA PRO C 44 30.51 -5.85 5.44
C PRO C 44 29.89 -6.49 6.69
N LEU C 45 28.61 -6.21 6.87
CA LEU C 45 27.83 -6.87 7.91
C LEU C 45 27.47 -8.27 7.39
N TYR C 46 28.22 -9.27 7.83
CA TYR C 46 28.08 -10.60 7.28
C TYR C 46 26.71 -11.20 7.62
N HIS C 47 26.11 -11.86 6.64
CA HIS C 47 24.78 -12.47 6.77
C HIS C 47 23.71 -11.42 7.07
N TYR C 48 23.82 -10.26 6.43
CA TYR C 48 22.82 -9.20 6.62
C TYR C 48 21.54 -9.50 5.87
N GLU C 49 21.66 -9.95 4.62
CA GLU C 49 20.49 -10.26 3.82
C GLU C 49 19.72 -11.45 4.37
N LYS C 50 20.32 -12.24 5.25
CA LYS C 50 19.64 -13.39 5.83
C LYS C 50 18.71 -13.00 6.98
N GLY C 51 18.89 -11.83 7.56
CA GLY C 51 17.97 -11.34 8.59
C GLY C 51 17.92 -12.17 9.84
N LEU C 52 19.07 -12.63 10.34
CA LEU C 52 19.10 -13.46 11.52
C LEU C 52 19.56 -12.73 12.77
N PHE C 53 20.29 -11.63 12.63
CA PHE C 53 20.88 -10.95 13.77
C PHE C 53 20.51 -9.47 13.77
N ASN C 54 20.78 -8.84 14.91
CA ASN C 54 20.71 -7.40 15.05
C ASN C 54 22.13 -6.85 14.92
N TYR C 55 22.29 -5.85 14.06
CA TYR C 55 23.61 -5.34 13.73
C TYR C 55 23.79 -3.92 14.24
N LYS C 56 24.96 -3.65 14.78
CA LYS C 56 25.41 -2.31 15.13
C LYS C 56 26.84 -2.18 14.65
N ARG C 57 27.12 -1.15 13.87
CA ARG C 57 28.45 -0.92 13.33
C ARG C 57 29.08 0.26 14.05
N LEU C 58 30.30 0.06 14.55
CA LEU C 58 31.07 1.15 15.16
C LEU C 58 32.19 1.52 14.21
N PRO C 59 32.04 2.59 13.42
CA PRO C 59 33.05 2.91 12.40
C PRO C 59 34.38 3.32 13.01
N ALA C 60 35.39 2.45 12.90
CA ALA C 60 36.68 2.71 13.52
C ALA C 60 37.78 2.08 12.69
N THR C 61 38.92 2.75 12.66
CA THR C 61 40.13 2.24 12.03
C THR C 61 41.14 1.88 13.11
N ASP C 62 42.12 1.07 12.72
CA ASP C 62 43.16 0.62 13.65
C ASP C 62 44.36 1.57 13.61
N SER C 63 44.08 2.83 13.93
CA SER C 63 45.09 3.88 13.89
C SER C 63 45.43 4.35 15.30
N ASN C 64 46.45 5.20 15.39
CA ASN C 64 46.89 5.76 16.66
C ASN C 64 46.15 7.03 17.02
N LYS C 65 45.14 7.41 16.24
CA LYS C 65 44.32 8.57 16.55
C LYS C 65 42.83 8.23 16.58
N GLN C 66 42.47 6.97 16.41
CA GLN C 66 41.06 6.57 16.43
C GLN C 66 40.50 6.72 17.84
N ASN C 67 39.26 7.19 17.92
CA ASN C 67 38.57 7.38 19.19
C ASN C 67 37.61 6.22 19.39
N LEU C 68 37.85 5.40 20.42
CA LEU C 68 36.93 4.35 20.79
C LEU C 68 36.15 4.63 22.05
N ARG C 69 36.59 5.59 22.89
CA ARG C 69 35.83 5.93 24.08
C ARG C 69 34.43 6.44 23.73
N GLN C 70 34.29 7.09 22.57
CA GLN C 70 33.00 7.61 22.15
C GLN C 70 31.97 6.50 21.93
N TYR C 71 32.42 5.30 21.62
CA TYR C 71 31.53 4.18 21.32
C TYR C 71 31.27 3.28 22.51
N PHE C 72 31.83 3.59 23.68
CA PHE C 72 31.69 2.68 24.81
C PHE C 72 30.25 2.61 25.30
N GLU C 73 29.65 3.76 25.60
CA GLU C 73 28.27 3.74 26.07
C GLU C 73 27.30 3.24 25.01
N GLU C 74 27.58 3.53 23.73
CA GLU C 74 26.73 3.00 22.67
C GLU C 74 26.86 1.48 22.57
N ALA C 75 28.07 0.95 22.78
CA ALA C 75 28.28 -0.48 22.72
C ALA C 75 27.80 -1.17 24.00
N PHE C 76 27.84 -0.48 25.14
CA PHE C 76 27.39 -1.08 26.39
C PHE C 76 25.88 -1.25 26.41
N GLU C 77 25.15 -0.22 25.96
CA GLU C 77 23.69 -0.32 25.90
C GLU C 77 23.24 -1.40 24.93
N PHE C 78 24.01 -1.64 23.88
CA PHE C 78 23.70 -2.70 22.94
C PHE C 78 24.02 -4.09 23.52
N ILE C 79 25.06 -4.18 24.35
CA ILE C 79 25.38 -5.45 25.01
C ILE C 79 24.32 -5.78 26.06
N GLU C 80 23.93 -4.79 26.86
CA GLU C 80 22.88 -5.03 27.86
C GLU C 80 21.55 -5.38 27.21
N GLU C 81 21.34 -4.97 25.96
CA GLU C 81 20.13 -5.36 25.24
C GLU C 81 20.15 -6.84 24.87
N ALA C 82 21.33 -7.35 24.49
CA ALA C 82 21.43 -8.77 24.16
C ALA C 82 21.29 -9.64 25.41
N HIS C 83 21.91 -9.23 26.52
CA HIS C 83 21.82 -10.01 27.75
C HIS C 83 20.40 -10.05 28.29
N GLN C 84 19.59 -9.03 27.97
CA GLN C 84 18.27 -8.93 28.58
C GLN C 84 17.27 -9.92 27.99
N CYS C 85 17.46 -10.33 26.73
CA CYS C 85 16.53 -11.26 26.10
C CYS C 85 17.14 -12.65 25.88
N GLY C 86 18.20 -12.98 26.61
CA GLY C 86 18.78 -14.30 26.58
C GLY C 86 19.58 -14.65 25.35
N LYS C 87 19.79 -13.71 24.43
CA LYS C 87 20.59 -13.96 23.24
C LYS C 87 22.04 -13.58 23.51
N GLY C 88 22.94 -14.20 22.74
CA GLY C 88 24.33 -13.87 22.83
C GLY C 88 24.73 -12.77 21.85
N LEU C 89 25.84 -12.11 22.15
CA LEU C 89 26.34 -11.03 21.31
C LEU C 89 27.75 -11.37 20.86
N LEU C 90 28.01 -11.20 19.56
CA LEU C 90 29.33 -11.35 18.98
C LEU C 90 29.84 -9.97 18.57
N ILE C 91 31.04 -9.63 19.04
CA ILE C 91 31.72 -8.40 18.65
C ILE C 91 33.03 -8.79 17.98
N HIS C 92 33.32 -8.18 16.84
CA HIS C 92 34.45 -8.59 16.03
C HIS C 92 35.01 -7.39 15.28
N CYS C 93 36.22 -7.55 14.76
CA CYS C 93 36.79 -6.59 13.83
C CYS C 93 37.65 -7.32 12.81
N GLN C 94 38.96 -7.25 12.94
CA GLN C 94 39.87 -7.93 12.02
C GLN C 94 40.79 -8.87 12.80
N ALA C 95 41.79 -9.41 12.10
CA ALA C 95 42.61 -10.49 12.64
C ALA C 95 43.20 -10.15 14.00
N GLY C 96 43.72 -8.93 14.17
CA GLY C 96 44.35 -8.55 15.42
C GLY C 96 43.40 -8.40 16.59
N VAL C 97 42.08 -8.41 16.33
CA VAL C 97 41.01 -8.14 17.29
C VAL C 97 41.36 -7.00 18.25
N SER C 98 42.13 -6.02 17.77
CA SER C 98 42.51 -4.89 18.61
C SER C 98 41.31 -4.03 18.97
N ARG C 99 40.53 -3.63 17.96
CA ARG C 99 39.41 -2.74 18.22
C ARG C 99 38.32 -3.44 19.02
N SER C 100 38.02 -4.70 18.69
CA SER C 100 36.94 -5.39 19.38
C SER C 100 37.33 -5.76 20.81
N ALA C 101 38.59 -6.15 21.03
CA ALA C 101 39.02 -6.50 22.39
C ALA C 101 39.07 -5.29 23.30
N THR C 102 39.30 -4.09 22.75
CA THR C 102 39.28 -2.88 23.55
C THR C 102 37.92 -2.66 24.17
N ILE C 103 36.85 -2.93 23.41
CA ILE C 103 35.50 -2.72 23.91
C ILE C 103 35.09 -3.81 24.90
N VAL C 104 35.49 -5.05 24.63
CA VAL C 104 35.16 -6.15 25.55
C VAL C 104 35.81 -5.90 26.91
N ILE C 105 37.08 -5.47 26.91
CA ILE C 105 37.74 -5.17 28.17
C ILE C 105 37.04 -4.02 28.88
N ALA C 106 36.76 -2.94 28.13
CA ALA C 106 36.10 -1.79 28.74
C ALA C 106 34.75 -2.16 29.33
N TYR C 107 34.04 -3.12 28.73
CA TYR C 107 32.81 -3.61 29.31
C TYR C 107 33.08 -4.36 30.61
N LEU C 108 34.10 -5.21 30.62
CA LEU C 108 34.46 -5.92 31.84
C LEU C 108 34.90 -4.97 32.94
N MET C 109 35.46 -3.82 32.58
CA MET C 109 35.89 -2.86 33.60
C MET C 109 34.70 -2.17 34.24
N LYS C 110 33.65 -1.90 33.46
CA LYS C 110 32.54 -1.13 33.99
C LYS C 110 31.53 -2.04 34.70
N HIS C 111 31.13 -3.14 34.08
CA HIS C 111 30.05 -3.97 34.62
C HIS C 111 30.54 -5.15 35.44
N THR C 112 31.83 -5.48 35.41
CA THR C 112 32.40 -6.48 36.30
C THR C 112 33.30 -5.90 37.37
N ARG C 113 33.64 -4.60 37.29
CA ARG C 113 34.45 -3.90 38.28
C ARG C 113 35.83 -4.54 38.46
N MET C 114 36.40 -5.03 37.35
CA MET C 114 37.77 -5.51 37.34
C MET C 114 38.71 -4.36 37.00
N THR C 115 39.97 -4.51 37.38
CA THR C 115 40.97 -3.55 36.92
C THR C 115 41.34 -3.86 35.47
N MET C 116 42.02 -2.91 34.83
CA MET C 116 42.33 -3.05 33.42
C MET C 116 43.25 -4.24 33.15
N THR C 117 44.30 -4.39 33.97
CA THR C 117 45.21 -5.51 33.77
C THR C 117 44.53 -6.84 34.07
N ASP C 118 43.69 -6.87 35.11
CA ASP C 118 42.96 -8.10 35.42
C ASP C 118 41.93 -8.40 34.34
N ALA C 119 41.27 -7.37 33.81
CA ALA C 119 40.35 -7.56 32.70
C ALA C 119 41.10 -7.94 31.43
N TYR C 120 42.31 -7.44 31.26
CA TYR C 120 43.12 -7.84 30.11
C TYR C 120 43.62 -9.27 30.25
N LYS C 121 44.13 -9.62 31.43
CA LYS C 121 44.60 -10.99 31.65
C LYS C 121 43.46 -11.99 31.52
N PHE C 122 42.23 -11.58 31.80
CA PHE C 122 41.09 -12.48 31.65
C PHE C 122 40.80 -12.75 30.18
N VAL C 123 40.77 -11.70 29.36
CA VAL C 123 40.48 -11.87 27.94
C VAL C 123 41.64 -12.56 27.24
N LYS C 124 42.87 -12.17 27.58
CA LYS C 124 44.05 -12.76 26.97
C LYS C 124 44.14 -14.27 27.22
N GLY C 125 43.64 -14.71 28.38
CA GLY C 125 43.68 -16.13 28.71
C GLY C 125 42.76 -16.98 27.85
N LYS C 126 41.72 -16.38 27.27
CA LYS C 126 40.79 -17.07 26.40
C LYS C 126 41.09 -16.89 24.91
N ARG C 127 41.56 -15.71 24.52
CA ARG C 127 42.04 -15.45 23.15
C ARG C 127 43.50 -15.05 23.20
N PRO C 128 44.44 -15.97 22.95
CA PRO C 128 45.86 -15.63 23.13
C PRO C 128 46.37 -14.65 22.09
N ILE C 129 45.78 -14.59 20.90
CA ILE C 129 46.27 -13.73 19.83
C ILE C 129 45.52 -12.41 19.93
N ILE C 130 46.17 -11.40 20.53
CA ILE C 130 45.62 -10.06 20.63
C ILE C 130 46.72 -9.09 20.21
N SER C 131 46.50 -8.38 19.11
CA SER C 131 47.48 -7.40 18.65
C SER C 131 47.43 -6.17 19.54
N PRO C 132 48.58 -5.64 19.93
CA PRO C 132 48.60 -4.46 20.81
C PRO C 132 48.34 -3.17 20.05
N ASN C 133 47.77 -2.20 20.77
CA ASN C 133 47.52 -0.87 20.22
C ASN C 133 47.69 0.12 21.37
N LEU C 134 48.78 0.88 21.36
CA LEU C 134 49.06 1.80 22.46
C LEU C 134 48.01 2.90 22.57
N ASN C 135 47.42 3.30 21.44
CA ASN C 135 46.39 4.33 21.49
C ASN C 135 45.16 3.83 22.23
N PHE C 136 44.72 2.61 21.94
CA PHE C 136 43.56 2.06 22.62
C PHE C 136 43.86 1.74 24.08
N MET C 137 45.10 1.37 24.39
CA MET C 137 45.47 1.15 25.79
C MET C 137 45.34 2.45 26.60
N GLY C 138 45.78 3.56 26.04
CA GLY C 138 45.66 4.84 26.73
C GLY C 138 44.21 5.26 26.95
N GLN C 139 43.32 4.87 26.04
CA GLN C 139 41.91 5.20 26.21
C GLN C 139 41.27 4.34 27.28
N LEU C 140 41.73 3.09 27.43
CA LEU C 140 41.27 2.26 28.53
C LEU C 140 41.81 2.77 29.86
N LEU C 141 43.03 3.32 29.86
CA LEU C 141 43.61 3.82 31.09
C LEU C 141 42.85 5.03 31.61
N GLU C 142 42.47 5.95 30.72
CA GLU C 142 41.63 7.06 31.16
C GLU C 142 40.24 6.59 31.54
N PHE C 143 39.73 5.55 30.86
CA PHE C 143 38.42 5.02 31.22
C PHE C 143 38.46 4.33 32.59
N GLU C 144 39.57 3.66 32.90
CA GLU C 144 39.71 3.09 34.25
C GLU C 144 39.74 4.18 35.30
N GLU C 145 40.36 5.32 34.97
CA GLU C 145 40.44 6.43 35.91
C GLU C 145 39.11 7.17 36.01
N ASP C 146 38.32 7.18 34.94
CA ASP C 146 37.00 7.80 34.99
C ASP C 146 35.97 6.92 35.69
N LEU C 147 36.15 5.60 35.68
CA LEU C 147 35.22 4.72 36.39
C LEU C 147 35.39 4.86 37.89
N ASN C 148 36.62 5.08 38.36
CA ASN C 148 36.89 5.25 39.78
C ASN C 148 36.43 6.60 40.31
N ASN C 149 36.06 7.54 39.44
CA ASN C 149 35.55 8.84 39.87
C ASN C 149 34.06 9.05 39.62
N GLY C 150 33.49 8.36 38.63
CA GLY C 150 32.07 8.51 38.32
C GLY C 150 31.80 9.17 36.99
N GLU D 6 28.69 0.23 -15.68
CA GLU D 6 29.43 1.46 -15.92
C GLU D 6 28.96 2.59 -15.00
N LEU D 7 29.91 3.44 -14.59
CA LEU D 7 29.64 4.55 -13.70
C LEU D 7 29.07 5.72 -14.48
N THR D 8 27.89 6.19 -14.10
CA THR D 8 27.23 7.27 -14.82
C THR D 8 27.84 8.60 -14.41
N PRO D 9 28.36 9.40 -15.36
CA PRO D 9 28.94 10.71 -15.00
C PRO D 9 27.90 11.82 -15.01
N ILE D 10 27.41 12.20 -13.82
CA ILE D 10 26.48 13.32 -13.73
C ILE D 10 27.19 14.62 -14.07
N LEU D 11 28.19 14.97 -13.28
CA LEU D 11 29.09 16.08 -13.54
C LEU D 11 30.47 15.54 -13.90
N PRO D 12 31.36 16.38 -14.47
CA PRO D 12 32.70 15.89 -14.83
C PRO D 12 33.46 15.24 -13.68
N PHE D 13 33.06 15.54 -12.44
CA PHE D 13 33.70 15.01 -11.26
C PHE D 13 32.78 14.16 -10.37
N LEU D 14 31.50 14.03 -10.72
CA LEU D 14 30.54 13.30 -9.92
C LEU D 14 30.03 12.08 -10.69
N PHE D 15 30.07 10.92 -10.05
CA PHE D 15 29.72 9.65 -10.68
C PHE D 15 28.72 8.89 -9.82
N LEU D 16 27.75 8.26 -10.49
CA LEU D 16 26.66 7.55 -9.85
C LEU D 16 26.68 6.09 -10.26
N GLY D 17 26.43 5.19 -9.30
CA GLY D 17 26.47 3.78 -9.61
C GLY D 17 25.76 2.95 -8.57
N ASN D 18 26.00 1.64 -8.64
CA ASN D 18 25.38 0.68 -7.73
C ASN D 18 26.43 -0.27 -7.19
N GLU D 19 25.97 -1.28 -6.45
CA GLU D 19 26.85 -2.27 -5.83
C GLU D 19 27.80 -2.89 -6.85
N GLN D 20 27.29 -3.26 -8.02
CA GLN D 20 28.13 -3.90 -9.02
C GLN D 20 29.08 -2.91 -9.68
N ASP D 21 28.61 -1.67 -9.90
CA ASP D 21 29.44 -0.68 -10.58
C ASP D 21 30.64 -0.27 -9.73
N ALA D 22 30.51 -0.32 -8.41
CA ALA D 22 31.59 0.13 -7.53
C ALA D 22 32.69 -0.89 -7.34
N GLN D 23 32.50 -2.12 -7.83
CA GLN D 23 33.50 -3.18 -7.70
C GLN D 23 34.46 -3.23 -8.88
N ASP D 24 34.32 -2.34 -9.86
CA ASP D 24 35.21 -2.30 -11.02
C ASP D 24 36.37 -1.36 -10.69
N LEU D 25 37.51 -1.93 -10.31
CA LEU D 25 38.63 -1.11 -9.88
C LEU D 25 39.32 -0.44 -11.06
N ASP D 26 39.42 -1.14 -12.19
CA ASP D 26 40.09 -0.58 -13.36
C ASP D 26 39.33 0.63 -13.92
N THR D 27 38.00 0.58 -13.88
CA THR D 27 37.21 1.69 -14.40
C THR D 27 37.34 2.93 -13.51
N MET D 28 37.37 2.72 -12.18
CA MET D 28 37.47 3.85 -11.27
C MET D 28 38.78 4.61 -11.45
N GLN D 29 39.86 3.89 -11.77
CA GLN D 29 41.12 4.57 -12.02
C GLN D 29 41.15 5.25 -13.38
N ARG D 30 40.42 4.70 -14.36
CA ARG D 30 40.29 5.34 -15.66
C ARG D 30 39.48 6.63 -15.61
N LEU D 31 38.62 6.79 -14.61
CA LEU D 31 37.78 7.97 -14.46
C LEU D 31 38.34 8.96 -13.44
N ASN D 32 39.55 8.74 -12.94
CA ASN D 32 40.23 9.66 -12.02
C ASN D 32 39.41 9.88 -10.75
N ILE D 33 39.01 8.77 -10.13
CA ILE D 33 38.24 8.81 -8.88
C ILE D 33 39.19 8.64 -7.72
N GLY D 34 39.06 9.50 -6.71
CA GLY D 34 39.87 9.42 -5.52
C GLY D 34 39.03 9.47 -4.26
N TYR D 35 37.73 9.65 -4.42
CA TYR D 35 36.78 9.73 -3.33
C TYR D 35 35.59 8.83 -3.60
N VAL D 36 35.07 8.20 -2.55
CA VAL D 36 33.96 7.25 -2.65
C VAL D 36 32.97 7.52 -1.51
N ILE D 37 31.69 7.63 -1.85
CA ILE D 37 30.62 7.71 -0.86
C ILE D 37 29.79 6.45 -0.98
N ASN D 38 29.71 5.69 0.11
CA ASN D 38 28.95 4.45 0.18
C ASN D 38 27.70 4.69 1.03
N VAL D 39 26.53 4.67 0.39
CA VAL D 39 25.28 5.03 1.07
C VAL D 39 24.55 3.77 1.53
N THR D 40 25.26 2.86 2.20
CA THR D 40 24.66 1.65 2.73
C THR D 40 25.17 1.42 4.14
N THR D 41 24.48 0.55 4.88
CA THR D 41 24.92 0.12 6.20
C THR D 41 25.70 -1.18 6.17
N HIS D 42 25.52 -1.99 5.13
CA HIS D 42 26.03 -3.35 5.10
C HIS D 42 27.03 -3.65 4.00
N LEU D 43 27.06 -2.86 2.94
CA LEU D 43 28.00 -3.14 1.86
C LEU D 43 29.41 -2.76 2.32
N PRO D 44 30.42 -3.53 1.94
CA PRO D 44 31.79 -3.17 2.31
C PRO D 44 32.28 -1.99 1.51
N LEU D 45 33.28 -1.31 2.07
CA LEU D 45 33.97 -0.26 1.33
C LEU D 45 34.91 -0.96 0.36
N TYR D 46 34.48 -1.08 -0.89
CA TYR D 46 35.24 -1.86 -1.85
C TYR D 46 36.60 -1.23 -2.11
N HIS D 47 37.62 -2.09 -2.19
CA HIS D 47 39.01 -1.67 -2.44
C HIS D 47 39.53 -0.75 -1.35
N TYR D 48 39.16 -1.04 -0.10
CA TYR D 48 39.64 -0.24 1.02
C TYR D 48 41.05 -0.65 1.43
N GLU D 49 41.33 -1.96 1.48
CA GLU D 49 42.64 -2.43 1.90
C GLU D 49 43.75 -2.04 0.93
N LYS D 50 43.42 -1.65 -0.30
CA LYS D 50 44.45 -1.21 -1.24
C LYS D 50 44.89 0.22 -1.00
N GLY D 51 44.11 1.01 -0.26
CA GLY D 51 44.52 2.36 0.08
C GLY D 51 44.64 3.30 -1.10
N LEU D 52 43.69 3.23 -2.04
CA LEU D 52 43.74 4.07 -3.23
C LEU D 52 42.77 5.23 -3.18
N PHE D 53 41.70 5.14 -2.41
CA PHE D 53 40.67 6.17 -2.39
C PHE D 53 40.41 6.64 -0.96
N ASN D 54 39.74 7.77 -0.86
CA ASN D 54 39.23 8.29 0.41
C ASN D 54 37.76 7.95 0.50
N TYR D 55 37.35 7.36 1.62
CA TYR D 55 36.01 6.82 1.77
C TYR D 55 35.21 7.60 2.80
N LYS D 56 33.92 7.78 2.51
CA LYS D 56 32.96 8.30 3.47
C LYS D 56 31.69 7.47 3.34
N ARG D 57 31.22 6.91 4.46
CA ARG D 57 30.04 6.05 4.47
C ARG D 57 28.86 6.76 5.12
N LEU D 58 27.73 6.77 4.42
CA LEU D 58 26.48 7.31 4.95
C LEU D 58 25.54 6.14 5.25
N PRO D 59 25.45 5.68 6.49
CA PRO D 59 24.65 4.48 6.79
C PRO D 59 23.16 4.72 6.61
N ALA D 60 22.59 4.12 5.57
CA ALA D 60 21.18 4.33 5.24
C ALA D 60 20.61 3.07 4.61
N THR D 61 19.34 2.81 4.89
CA THR D 61 18.60 1.72 4.27
C THR D 61 17.55 2.29 3.32
N ASP D 62 17.06 1.43 2.43
CA ASP D 62 16.08 1.83 1.42
C ASP D 62 14.66 1.64 1.95
N SER D 63 14.36 2.33 3.05
CA SER D 63 13.06 2.25 3.71
C SER D 63 12.33 3.59 3.58
N ASN D 64 11.08 3.59 4.02
CA ASN D 64 10.24 4.78 3.99
C ASN D 64 10.41 5.64 5.23
N LYS D 65 11.36 5.31 6.11
CA LYS D 65 11.61 6.07 7.32
C LYS D 65 13.04 6.56 7.44
N GLN D 66 13.89 6.28 6.45
CA GLN D 66 15.29 6.70 6.50
C GLN D 66 15.40 8.21 6.34
N ASN D 67 16.31 8.81 7.10
CA ASN D 67 16.56 10.24 7.04
C ASN D 67 17.83 10.48 6.24
N LEU D 68 17.70 11.13 5.08
CA LEU D 68 18.85 11.47 4.26
C LEU D 68 19.23 12.95 4.32
N ARG D 69 18.30 13.82 4.74
CA ARG D 69 18.62 15.24 4.89
C ARG D 69 19.74 15.47 5.90
N GLN D 70 19.84 14.59 6.90
CA GLN D 70 20.89 14.73 7.91
C GLN D 70 22.28 14.57 7.31
N TYR D 71 22.40 13.85 6.19
CA TYR D 71 23.68 13.58 5.58
C TYR D 71 24.04 14.53 4.46
N PHE D 72 23.20 15.53 4.17
CA PHE D 72 23.44 16.38 3.01
C PHE D 72 24.68 17.23 3.19
N GLU D 73 24.76 17.99 4.28
CA GLU D 73 25.92 18.85 4.49
C GLU D 73 27.19 18.03 4.65
N GLU D 74 27.09 16.83 5.23
CA GLU D 74 28.26 15.97 5.32
C GLU D 74 28.70 15.48 3.94
N ALA D 75 27.73 15.18 3.06
CA ALA D 75 28.08 14.71 1.73
C ALA D 75 28.45 15.84 0.79
N PHE D 76 27.89 17.04 0.99
CA PHE D 76 28.23 18.16 0.10
C PHE D 76 29.65 18.65 0.36
N GLU D 77 30.03 18.79 1.64
CA GLU D 77 31.40 19.19 1.94
C GLU D 77 32.40 18.13 1.49
N PHE D 78 32.00 16.87 1.49
CA PHE D 78 32.87 15.80 1.00
C PHE D 78 32.95 15.78 -0.51
N ILE D 79 31.87 16.15 -1.20
CA ILE D 79 31.91 16.26 -2.66
C ILE D 79 32.80 17.42 -3.08
N GLU D 80 32.66 18.57 -2.41
CA GLU D 80 33.49 19.72 -2.73
C GLU D 80 34.97 19.46 -2.43
N GLU D 81 35.27 18.52 -1.54
CA GLU D 81 36.67 18.17 -1.29
C GLU D 81 37.27 17.43 -2.49
N ALA D 82 36.49 16.55 -3.11
CA ALA D 82 36.95 15.91 -4.34
C ALA D 82 36.99 16.91 -5.49
N HIS D 83 35.97 17.78 -5.56
CA HIS D 83 35.91 18.79 -6.60
C HIS D 83 37.06 19.78 -6.49
N GLN D 84 37.54 20.02 -5.27
CA GLN D 84 38.55 21.06 -5.05
C GLN D 84 39.95 20.63 -5.49
N CYS D 85 40.24 19.33 -5.46
CA CYS D 85 41.57 18.84 -5.82
C CYS D 85 41.57 18.09 -7.14
N GLY D 86 40.58 18.32 -7.98
CA GLY D 86 40.56 17.78 -9.33
C GLY D 86 40.26 16.31 -9.46
N LYS D 87 39.97 15.63 -8.35
CA LYS D 87 39.64 14.21 -8.40
C LYS D 87 38.13 14.02 -8.55
N GLY D 88 37.76 12.86 -9.06
CA GLY D 88 36.36 12.52 -9.19
C GLY D 88 35.83 11.82 -7.95
N LEU D 89 34.52 11.84 -7.81
CA LEU D 89 33.85 11.20 -6.70
C LEU D 89 32.85 10.19 -7.23
N LEU D 90 32.87 8.99 -6.66
CA LEU D 90 31.89 7.96 -6.93
C LEU D 90 30.99 7.82 -5.71
N ILE D 91 29.68 7.95 -5.92
CA ILE D 91 28.69 7.72 -4.88
C ILE D 91 27.78 6.61 -5.36
N HIS D 92 27.53 5.62 -4.50
CA HIS D 92 26.83 4.43 -4.92
C HIS D 92 26.05 3.84 -3.75
N CYS D 93 25.13 2.94 -4.08
CA CYS D 93 24.46 2.13 -3.07
C CYS D 93 24.15 0.75 -3.63
N GLN D 94 22.90 0.48 -3.96
CA GLN D 94 22.50 -0.81 -4.50
C GLN D 94 21.81 -0.63 -5.85
N ALA D 95 21.23 -1.73 -6.36
CA ALA D 95 20.77 -1.78 -7.75
C ALA D 95 19.86 -0.61 -8.11
N GLY D 96 18.92 -0.25 -7.24
CA GLY D 96 17.98 0.81 -7.54
C GLY D 96 18.57 2.20 -7.60
N VAL D 97 19.82 2.38 -7.14
CA VAL D 97 20.51 3.65 -6.96
C VAL D 97 19.57 4.72 -6.40
N SER D 98 18.60 4.32 -5.59
CA SER D 98 17.67 5.28 -5.01
C SER D 98 18.38 6.18 -3.99
N ARG D 99 19.11 5.59 -3.04
CA ARG D 99 19.73 6.38 -1.99
C ARG D 99 20.81 7.31 -2.53
N SER D 100 21.62 6.81 -3.46
CA SER D 100 22.70 7.63 -4.02
C SER D 100 22.18 8.72 -4.94
N ALA D 101 21.09 8.47 -5.67
CA ALA D 101 20.54 9.49 -6.55
C ALA D 101 19.92 10.64 -5.76
N THR D 102 19.40 10.37 -4.56
CA THR D 102 18.86 11.45 -3.73
C THR D 102 19.93 12.46 -3.37
N ILE D 103 21.15 11.98 -3.10
CA ILE D 103 22.22 12.89 -2.72
C ILE D 103 22.76 13.64 -3.94
N VAL D 104 22.85 12.95 -5.08
CA VAL D 104 23.33 13.61 -6.29
C VAL D 104 22.37 14.72 -6.70
N ILE D 105 21.07 14.46 -6.64
CA ILE D 105 20.08 15.49 -6.98
C ILE D 105 20.16 16.65 -5.99
N ALA D 106 20.23 16.33 -4.70
CA ALA D 106 20.29 17.37 -3.68
C ALA D 106 21.50 18.28 -3.86
N TYR D 107 22.62 17.71 -4.33
CA TYR D 107 23.79 18.53 -4.64
C TYR D 107 23.52 19.44 -5.83
N LEU D 108 22.89 18.90 -6.88
CA LEU D 108 22.55 19.71 -8.04
C LEU D 108 21.56 20.81 -7.70
N MET D 109 20.72 20.61 -6.68
CA MET D 109 19.78 21.65 -6.29
C MET D 109 20.48 22.80 -5.57
N LYS D 110 21.54 22.51 -4.80
CA LYS D 110 22.21 23.53 -4.01
C LYS D 110 23.28 24.27 -4.80
N HIS D 111 24.18 23.55 -5.46
CA HIS D 111 25.34 24.17 -6.09
C HIS D 111 25.15 24.41 -7.59
N THR D 112 24.11 23.88 -8.22
CA THR D 112 23.79 24.18 -9.61
C THR D 112 22.59 25.10 -9.74
N ARG D 113 21.86 25.37 -8.66
CA ARG D 113 20.70 26.27 -8.66
C ARG D 113 19.60 25.79 -9.60
N MET D 114 19.44 24.47 -9.72
CA MET D 114 18.33 23.90 -10.45
C MET D 114 17.14 23.63 -9.51
N THR D 115 15.96 23.53 -10.11
CA THR D 115 14.79 23.05 -9.39
C THR D 115 14.84 21.53 -9.28
N MET D 116 13.97 20.98 -8.43
CA MET D 116 14.01 19.54 -8.17
C MET D 116 13.66 18.75 -9.42
N THR D 117 12.60 19.15 -10.13
CA THR D 117 12.20 18.42 -11.34
C THR D 117 13.25 18.57 -12.43
N ASP D 118 13.85 19.75 -12.56
CA ASP D 118 14.90 19.91 -13.56
C ASP D 118 16.13 19.10 -13.19
N ALA D 119 16.46 19.04 -11.89
CA ALA D 119 17.58 18.22 -11.46
C ALA D 119 17.29 16.73 -11.63
N TYR D 120 16.03 16.31 -11.50
CA TYR D 120 15.70 14.92 -11.73
C TYR D 120 15.76 14.57 -13.21
N LYS D 121 15.19 15.44 -14.06
CA LYS D 121 15.25 15.20 -15.50
C LYS D 121 16.68 15.22 -16.00
N PHE D 122 17.56 15.95 -15.33
CA PHE D 122 18.97 15.97 -15.71
C PHE D 122 19.62 14.64 -15.39
N VAL D 123 19.37 14.11 -14.19
CA VAL D 123 19.97 12.84 -13.78
C VAL D 123 19.32 11.68 -14.54
N LYS D 124 18.00 11.74 -14.74
CA LYS D 124 17.30 10.67 -15.45
C LYS D 124 17.81 10.53 -16.88
N GLY D 125 18.21 11.64 -17.50
CA GLY D 125 18.71 11.58 -18.87
C GLY D 125 20.04 10.89 -19.01
N LYS D 126 20.82 10.81 -17.93
CA LYS D 126 22.13 10.15 -17.95
C LYS D 126 22.08 8.73 -17.41
N ARG D 127 21.29 8.50 -16.36
CA ARG D 127 21.04 7.15 -15.84
C ARG D 127 19.54 6.90 -15.86
N PRO D 128 19.02 6.20 -16.87
CA PRO D 128 17.55 6.11 -17.02
C PRO D 128 16.86 5.27 -15.96
N ILE D 129 17.55 4.30 -15.34
CA ILE D 129 16.94 3.40 -14.38
C ILE D 129 17.18 3.97 -12.98
N ILE D 130 16.16 4.62 -12.42
CA ILE D 130 16.20 5.14 -11.05
C ILE D 130 14.93 4.69 -10.36
N SER D 131 15.07 3.85 -9.33
CA SER D 131 13.91 3.35 -8.62
C SER D 131 13.30 4.44 -7.74
N PRO D 132 11.98 4.59 -7.74
CA PRO D 132 11.35 5.65 -6.96
C PRO D 132 11.23 5.30 -5.48
N ASN D 133 11.27 6.35 -4.66
CA ASN D 133 11.12 6.22 -3.21
C ASN D 133 10.38 7.44 -2.72
N LEU D 134 9.11 7.26 -2.34
CA LEU D 134 8.29 8.41 -1.95
C LEU D 134 8.85 9.12 -0.73
N ASN D 135 9.52 8.39 0.17
CA ASN D 135 10.07 9.02 1.37
C ASN D 135 11.18 9.99 1.01
N PHE D 136 12.11 9.58 0.15
CA PHE D 136 13.22 10.46 -0.24
C PHE D 136 12.74 11.62 -1.11
N MET D 137 11.70 11.40 -1.92
CA MET D 137 11.14 12.48 -2.73
C MET D 137 10.63 13.62 -1.85
N GLY D 138 9.94 13.28 -0.76
CA GLY D 138 9.44 14.31 0.14
C GLY D 138 10.55 15.09 0.82
N GLN D 139 11.69 14.43 1.05
CA GLN D 139 12.82 15.13 1.69
C GLN D 139 13.48 16.11 0.75
N LEU D 140 13.49 15.81 -0.56
CA LEU D 140 14.03 16.76 -1.53
C LEU D 140 13.12 17.97 -1.70
N LEU D 141 11.80 17.77 -1.61
CA LEU D 141 10.86 18.88 -1.76
C LEU D 141 10.98 19.86 -0.59
N GLU D 142 11.09 19.34 0.63
CA GLU D 142 11.30 20.21 1.79
C GLU D 142 12.68 20.88 1.74
N PHE D 143 13.67 20.18 1.20
CA PHE D 143 14.99 20.77 1.03
C PHE D 143 14.96 21.88 -0.01
N GLU D 144 14.14 21.70 -1.05
CA GLU D 144 13.96 22.74 -2.06
C GLU D 144 13.38 24.00 -1.43
N GLU D 145 12.49 23.85 -0.45
CA GLU D 145 11.91 25.01 0.21
C GLU D 145 12.89 25.67 1.16
N ASP D 146 13.84 24.90 1.72
CA ASP D 146 14.85 25.46 2.61
C ASP D 146 15.95 26.19 1.85
N LEU D 147 16.19 25.84 0.58
CA LEU D 147 17.18 26.55 -0.21
C LEU D 147 16.72 27.96 -0.56
N ASN D 148 15.40 28.15 -0.78
CA ASN D 148 14.88 29.47 -1.10
C ASN D 148 14.91 30.42 0.10
N ASN D 149 15.14 29.90 1.30
CA ASN D 149 15.24 30.72 2.50
C ASN D 149 16.64 30.81 3.07
N GLY D 150 17.50 29.83 2.79
CA GLY D 150 18.87 29.84 3.29
C GLY D 150 19.15 28.73 4.29
N LEU E 7 -35.17 -10.40 -11.83
CA LEU E 7 -34.45 -10.43 -13.11
C LEU E 7 -35.17 -11.33 -14.10
N THR E 8 -35.56 -10.76 -15.24
CA THR E 8 -36.29 -11.48 -16.26
C THR E 8 -35.35 -12.32 -17.12
N PRO E 9 -35.56 -13.64 -17.24
CA PRO E 9 -34.69 -14.44 -18.10
C PRO E 9 -35.19 -14.51 -19.54
N ILE E 10 -34.60 -13.70 -20.42
CA ILE E 10 -34.97 -13.75 -21.84
C ILE E 10 -34.48 -15.05 -22.47
N LEU E 11 -33.17 -15.25 -22.49
CA LEU E 11 -32.51 -16.48 -22.89
C LEU E 11 -31.87 -17.13 -21.66
N PRO E 12 -31.48 -18.42 -21.75
CA PRO E 12 -30.86 -19.07 -20.59
C PRO E 12 -29.65 -18.33 -20.03
N PHE E 13 -29.02 -17.47 -20.83
CA PHE E 13 -27.85 -16.72 -20.40
C PHE E 13 -28.04 -15.21 -20.44
N LEU E 14 -29.19 -14.72 -20.88
CA LEU E 14 -29.46 -13.29 -21.00
C LEU E 14 -30.59 -12.89 -20.07
N PHE E 15 -30.36 -11.85 -19.27
CA PHE E 15 -31.30 -11.43 -18.25
C PHE E 15 -31.59 -9.94 -18.38
N LEU E 16 -32.84 -9.57 -18.18
CA LEU E 16 -33.30 -8.20 -18.33
C LEU E 16 -33.86 -7.70 -17.00
N GLY E 17 -33.54 -6.46 -16.65
CA GLY E 17 -34.00 -5.90 -15.41
C GLY E 17 -33.86 -4.40 -15.39
N ASN E 18 -33.99 -3.83 -14.18
CA ASN E 18 -33.90 -2.40 -13.97
C ASN E 18 -33.01 -2.13 -12.78
N GLU E 19 -32.95 -0.86 -12.36
CA GLU E 19 -32.14 -0.47 -11.20
C GLU E 19 -32.42 -1.34 -9.98
N GLN E 20 -33.70 -1.63 -9.71
CA GLN E 20 -34.02 -2.43 -8.53
C GLN E 20 -33.65 -3.90 -8.73
N ASP E 21 -33.84 -4.44 -9.93
CA ASP E 21 -33.50 -5.84 -10.15
C ASP E 21 -32.00 -6.07 -10.12
N ALA E 22 -31.20 -5.05 -10.48
CA ALA E 22 -29.76 -5.19 -10.55
C ALA E 22 -29.07 -5.08 -9.20
N GLN E 23 -29.79 -4.69 -8.15
CA GLN E 23 -29.22 -4.58 -6.81
C GLN E 23 -29.38 -5.85 -6.00
N ASP E 24 -29.98 -6.90 -6.56
CA ASP E 24 -30.19 -8.16 -5.84
C ASP E 24 -28.97 -9.04 -6.08
N LEU E 25 -28.08 -9.09 -5.08
CA LEU E 25 -26.83 -9.83 -5.24
C LEU E 25 -27.06 -11.33 -5.12
N ASP E 26 -27.96 -11.75 -4.23
CA ASP E 26 -28.21 -13.17 -4.06
C ASP E 26 -28.81 -13.79 -5.31
N THR E 27 -29.70 -13.06 -5.99
CA THR E 27 -30.32 -13.61 -7.20
C THR E 27 -29.32 -13.70 -8.35
N MET E 28 -28.46 -12.70 -8.50
CA MET E 28 -27.48 -12.73 -9.58
C MET E 28 -26.48 -13.86 -9.43
N GLN E 29 -26.11 -14.20 -8.19
CA GLN E 29 -25.20 -15.31 -7.98
C GLN E 29 -25.89 -16.66 -8.10
N ARG E 30 -27.17 -16.74 -7.71
CA ARG E 30 -27.92 -17.98 -7.88
C ARG E 30 -28.21 -18.28 -9.34
N LEU E 31 -28.20 -17.27 -10.21
CA LEU E 31 -28.45 -17.44 -11.63
C LEU E 31 -27.18 -17.49 -12.45
N ASN E 32 -26.01 -17.54 -11.80
CA ASN E 32 -24.72 -17.66 -12.48
C ASN E 32 -24.48 -16.51 -13.44
N ILE E 33 -24.65 -15.30 -12.94
CA ILE E 33 -24.42 -14.08 -13.71
C ILE E 33 -23.02 -13.56 -13.39
N GLY E 34 -22.26 -13.24 -14.44
CA GLY E 34 -20.92 -12.72 -14.25
C GLY E 34 -20.65 -11.45 -15.04
N TYR E 35 -21.64 -11.03 -15.83
CA TYR E 35 -21.52 -9.87 -16.69
C TYR E 35 -22.72 -8.96 -16.49
N VAL E 36 -22.48 -7.65 -16.51
CA VAL E 36 -23.51 -6.65 -16.27
C VAL E 36 -23.35 -5.54 -17.31
N ILE E 37 -24.46 -5.20 -17.97
CA ILE E 37 -24.51 -4.06 -18.88
C ILE E 37 -25.42 -3.02 -18.25
N ASN E 38 -24.87 -1.84 -17.99
CA ASN E 38 -25.61 -0.72 -17.40
C ASN E 38 -25.86 0.29 -18.51
N VAL E 39 -27.11 0.45 -18.91
CA VAL E 39 -27.42 1.30 -20.06
C VAL E 39 -27.88 2.67 -19.55
N THR E 40 -27.11 3.26 -18.65
CA THR E 40 -27.40 4.59 -18.11
C THR E 40 -26.11 5.40 -18.06
N THR E 41 -26.27 6.71 -17.93
CA THR E 41 -25.14 7.60 -17.72
C THR E 41 -24.90 7.92 -16.25
N HIS E 42 -25.92 7.75 -15.40
CA HIS E 42 -25.86 8.22 -14.03
C HIS E 42 -25.98 7.14 -12.98
N LEU E 43 -26.50 5.96 -13.31
CA LEU E 43 -26.65 4.93 -12.30
C LEU E 43 -25.29 4.32 -11.96
N PRO E 44 -25.06 3.99 -10.70
CA PRO E 44 -23.79 3.36 -10.34
C PRO E 44 -23.73 1.92 -10.82
N LEU E 45 -22.50 1.43 -10.97
CA LEU E 45 -22.27 0.02 -11.27
C LEU E 45 -22.41 -0.74 -9.95
N TYR E 46 -23.57 -1.35 -9.75
CA TYR E 46 -23.87 -1.98 -8.47
C TYR E 46 -22.95 -3.16 -8.20
N HIS E 47 -22.46 -3.25 -6.96
CA HIS E 47 -21.55 -4.31 -6.52
C HIS E 47 -20.25 -4.31 -7.32
N TYR E 48 -19.77 -3.11 -7.68
CA TYR E 48 -18.51 -3.01 -8.41
C TYR E 48 -17.33 -3.17 -7.47
N GLU E 49 -17.39 -2.53 -6.30
CA GLU E 49 -16.31 -2.63 -5.33
C GLU E 49 -16.16 -4.03 -4.76
N LYS E 50 -17.17 -4.90 -4.93
CA LYS E 50 -17.09 -6.27 -4.44
C LYS E 50 -16.26 -7.17 -5.35
N GLY E 51 -16.02 -6.76 -6.60
CA GLY E 51 -15.18 -7.51 -7.53
C GLY E 51 -15.75 -8.86 -7.92
N LEU E 52 -17.06 -8.93 -8.16
CA LEU E 52 -17.71 -10.18 -8.51
C LEU E 52 -18.10 -10.29 -9.99
N PHE E 53 -18.31 -9.17 -10.68
CA PHE E 53 -18.81 -9.21 -12.05
C PHE E 53 -17.92 -8.38 -12.96
N ASN E 54 -18.11 -8.58 -14.27
CA ASN E 54 -17.51 -7.76 -15.31
C ASN E 54 -18.57 -6.77 -15.80
N TYR E 55 -18.21 -5.50 -15.86
CA TYR E 55 -19.15 -4.42 -16.13
C TYR E 55 -18.86 -3.76 -17.48
N LYS E 56 -19.93 -3.42 -18.20
CA LYS E 56 -19.85 -2.58 -19.38
C LYS E 56 -20.98 -1.56 -19.29
N ARG E 57 -20.63 -0.28 -19.39
CA ARG E 57 -21.60 0.80 -19.29
C ARG E 57 -21.83 1.41 -20.66
N LEU E 58 -23.10 1.52 -21.07
CA LEU E 58 -23.46 2.18 -22.31
C LEU E 58 -24.09 3.53 -22.00
N PRO E 59 -23.33 4.63 -22.08
CA PRO E 59 -23.88 5.92 -21.66
C PRO E 59 -25.00 6.42 -22.55
N ALA E 60 -26.23 6.36 -22.03
CA ALA E 60 -27.41 6.75 -22.80
C ALA E 60 -28.47 7.29 -21.86
N THR E 61 -29.22 8.27 -22.33
CA THR E 61 -30.38 8.81 -21.63
C THR E 61 -31.65 8.42 -22.38
N ASP E 62 -32.77 8.50 -21.67
CA ASP E 62 -34.07 8.13 -22.25
C ASP E 62 -34.74 9.34 -22.90
N SER E 63 -34.06 9.88 -23.92
CA SER E 63 -34.52 11.05 -24.63
C SER E 63 -34.95 10.66 -26.04
N ASN E 64 -35.52 11.63 -26.75
CA ASN E 64 -36.01 11.44 -28.11
C ASN E 64 -34.94 11.62 -29.17
N LYS E 65 -33.68 11.82 -28.78
CA LYS E 65 -32.58 11.96 -29.72
C LYS E 65 -31.42 11.01 -29.41
N GLN E 66 -31.56 10.13 -28.43
CA GLN E 66 -30.47 9.24 -28.06
C GLN E 66 -30.21 8.19 -29.15
N ASN E 67 -28.93 7.91 -29.39
CA ASN E 67 -28.50 6.91 -30.36
C ASN E 67 -28.08 5.64 -29.61
N LEU E 68 -28.84 4.56 -29.82
CA LEU E 68 -28.50 3.27 -29.24
C LEU E 68 -27.93 2.28 -30.24
N ARG E 69 -28.12 2.50 -31.53
CA ARG E 69 -27.54 1.63 -32.55
C ARG E 69 -26.02 1.59 -32.48
N GLN E 70 -25.39 2.70 -32.07
CA GLN E 70 -23.95 2.74 -31.97
C GLN E 70 -23.41 1.77 -30.93
N TYR E 71 -24.22 1.39 -29.94
CA TYR E 71 -23.79 0.49 -28.87
C TYR E 71 -24.15 -0.96 -29.13
N PHE E 72 -24.77 -1.26 -30.28
CA PHE E 72 -25.24 -2.62 -30.53
C PHE E 72 -24.07 -3.58 -30.69
N GLU E 73 -23.14 -3.26 -31.59
CA GLU E 73 -21.99 -4.14 -31.81
C GLU E 73 -21.12 -4.25 -30.56
N GLU E 74 -21.03 -3.18 -29.78
CA GLU E 74 -20.28 -3.24 -28.53
C GLU E 74 -20.96 -4.15 -27.52
N ALA E 75 -22.30 -4.14 -27.47
CA ALA E 75 -23.04 -4.96 -26.54
C ALA E 75 -23.15 -6.42 -26.98
N PHE E 76 -23.17 -6.66 -28.30
CA PHE E 76 -23.31 -8.03 -28.79
C PHE E 76 -22.05 -8.84 -28.52
N GLU E 77 -20.88 -8.27 -28.78
CA GLU E 77 -19.63 -8.95 -28.49
C GLU E 77 -19.47 -9.20 -26.98
N PHE E 78 -20.03 -8.32 -26.16
CA PHE E 78 -19.99 -8.52 -24.72
C PHE E 78 -20.94 -9.62 -24.28
N ILE E 79 -22.07 -9.77 -24.98
CA ILE E 79 -22.99 -10.87 -24.70
C ILE E 79 -22.38 -12.20 -25.11
N GLU E 80 -21.75 -12.23 -26.30
CA GLU E 80 -21.09 -13.45 -26.76
C GLU E 80 -19.93 -13.85 -25.86
N GLU E 81 -19.36 -12.91 -25.12
CA GLU E 81 -18.30 -13.27 -24.17
C GLU E 81 -18.86 -14.06 -22.99
N ALA E 82 -20.03 -13.67 -22.50
CA ALA E 82 -20.68 -14.42 -21.43
C ALA E 82 -21.19 -15.76 -21.93
N HIS E 83 -21.78 -15.79 -23.13
CA HIS E 83 -22.32 -17.03 -23.67
C HIS E 83 -21.22 -18.06 -23.94
N GLN E 84 -20.01 -17.59 -24.25
CA GLN E 84 -18.94 -18.52 -24.64
C GLN E 84 -18.34 -19.25 -23.45
N CYS E 85 -18.36 -18.65 -22.26
CA CYS E 85 -17.78 -19.26 -21.07
C CYS E 85 -18.83 -19.70 -20.06
N GLY E 86 -20.09 -19.87 -20.49
CA GLY E 86 -21.12 -20.44 -19.65
C GLY E 86 -21.66 -19.53 -18.55
N LYS E 87 -21.22 -18.29 -18.46
CA LYS E 87 -21.75 -17.37 -17.46
C LYS E 87 -22.93 -16.60 -18.04
N GLY E 88 -23.79 -16.10 -17.14
CA GLY E 88 -24.92 -15.29 -17.55
C GLY E 88 -24.61 -13.80 -17.59
N LEU E 89 -25.42 -13.07 -18.35
CA LEU E 89 -25.31 -11.63 -18.48
C LEU E 89 -26.62 -10.98 -18.10
N LEU E 90 -26.55 -9.96 -17.25
CA LEU E 90 -27.69 -9.13 -16.91
C LEU E 90 -27.50 -7.75 -17.53
N ILE E 91 -28.50 -7.30 -18.28
CA ILE E 91 -28.51 -5.97 -18.85
C ILE E 91 -29.71 -5.23 -18.27
N HIS E 92 -29.49 -3.99 -17.83
CA HIS E 92 -30.52 -3.27 -17.11
C HIS E 92 -30.37 -1.77 -17.39
N CYS E 93 -31.43 -1.03 -17.05
CA CYS E 93 -31.39 0.42 -17.02
C CYS E 93 -32.26 0.93 -15.88
N GLN E 94 -33.42 1.49 -16.19
CA GLN E 94 -34.31 1.99 -15.15
C GLN E 94 -35.69 1.33 -15.28
N ALA E 95 -36.64 1.85 -14.51
CA ALA E 95 -37.95 1.18 -14.34
C ALA E 95 -38.60 0.84 -15.66
N GLY E 96 -38.58 1.76 -16.63
CA GLY E 96 -39.25 1.54 -17.90
C GLY E 96 -38.62 0.48 -18.78
N VAL E 97 -37.42 0.01 -18.44
CA VAL E 97 -36.58 -0.91 -19.23
C VAL E 97 -36.62 -0.59 -20.73
N SER E 98 -36.80 0.69 -21.06
CA SER E 98 -36.82 1.09 -22.47
C SER E 98 -35.46 0.90 -23.11
N ARG E 99 -34.41 1.44 -22.48
CA ARG E 99 -33.07 1.38 -23.07
C ARG E 99 -32.53 -0.04 -23.12
N SER E 100 -32.72 -0.81 -22.05
CA SER E 100 -32.15 -2.15 -22.01
C SER E 100 -32.91 -3.10 -22.91
N ALA E 101 -34.24 -2.96 -23.01
CA ALA E 101 -35.02 -3.86 -23.87
C ALA E 101 -34.75 -3.62 -25.35
N THR E 102 -34.39 -2.39 -25.73
CA THR E 102 -34.06 -2.12 -27.12
C THR E 102 -32.85 -2.95 -27.54
N ILE E 103 -31.88 -3.10 -26.65
CA ILE E 103 -30.66 -3.84 -26.98
C ILE E 103 -30.91 -5.35 -26.97
N VAL E 104 -31.73 -5.84 -26.04
CA VAL E 104 -32.05 -7.27 -26.02
C VAL E 104 -32.82 -7.65 -27.28
N ILE E 105 -33.77 -6.81 -27.70
CA ILE E 105 -34.53 -7.09 -28.92
C ILE E 105 -33.61 -7.11 -30.13
N ALA E 106 -32.73 -6.12 -30.24
CA ALA E 106 -31.80 -6.07 -31.37
C ALA E 106 -30.91 -7.30 -31.41
N TYR E 107 -30.56 -7.85 -30.24
CA TYR E 107 -29.77 -9.09 -30.22
C TYR E 107 -30.59 -10.26 -30.75
N LEU E 108 -31.85 -10.38 -30.33
CA LEU E 108 -32.69 -11.46 -30.83
C LEU E 108 -32.91 -11.33 -32.34
N MET E 109 -32.87 -10.12 -32.87
CA MET E 109 -33.03 -9.94 -34.31
C MET E 109 -31.79 -10.39 -35.06
N LYS E 110 -30.60 -10.22 -34.46
CA LYS E 110 -29.37 -10.53 -35.18
C LYS E 110 -29.00 -12.00 -35.06
N HIS E 111 -29.00 -12.54 -33.84
CA HIS E 111 -28.51 -13.90 -33.62
C HIS E 111 -29.61 -14.95 -33.60
N THR E 112 -30.88 -14.56 -33.54
CA THR E 112 -31.98 -15.49 -33.75
C THR E 112 -32.68 -15.25 -35.08
N ARG E 113 -32.38 -14.14 -35.75
CA ARG E 113 -32.92 -13.82 -37.08
C ARG E 113 -34.45 -13.77 -37.06
N MET E 114 -35.01 -13.24 -35.97
CA MET E 114 -36.42 -12.95 -35.85
C MET E 114 -36.71 -11.55 -36.40
N THR E 115 -37.96 -11.32 -36.75
CA THR E 115 -38.35 -9.96 -37.09
C THR E 115 -38.51 -9.13 -35.83
N MET E 116 -38.61 -7.82 -36.02
CA MET E 116 -38.70 -6.91 -34.89
C MET E 116 -39.98 -7.15 -34.09
N THR E 117 -41.11 -7.31 -34.79
CA THR E 117 -42.38 -7.54 -34.09
C THR E 117 -42.39 -8.90 -33.40
N ASP E 118 -41.80 -9.93 -34.02
CA ASP E 118 -41.73 -11.23 -33.38
C ASP E 118 -40.78 -11.20 -32.19
N ALA E 119 -39.67 -10.46 -32.30
CA ALA E 119 -38.76 -10.32 -31.17
C ALA E 119 -39.38 -9.48 -30.06
N TYR E 120 -40.22 -8.50 -30.41
CA TYR E 120 -40.88 -7.68 -29.39
C TYR E 120 -41.93 -8.50 -28.63
N LYS E 121 -42.75 -9.25 -29.36
CA LYS E 121 -43.76 -10.08 -28.71
C LYS E 121 -43.12 -11.14 -27.81
N PHE E 122 -41.90 -11.56 -28.12
CA PHE E 122 -41.20 -12.52 -27.29
C PHE E 122 -40.78 -11.91 -25.95
N VAL E 123 -40.20 -10.70 -25.99
CA VAL E 123 -39.76 -10.03 -24.77
C VAL E 123 -40.95 -9.55 -23.96
N LYS E 124 -41.98 -9.02 -24.63
CA LYS E 124 -43.16 -8.53 -23.93
C LYS E 124 -43.85 -9.64 -23.15
N GLY E 125 -43.81 -10.88 -23.66
CA GLY E 125 -44.44 -11.98 -22.97
C GLY E 125 -43.76 -12.37 -21.66
N LYS E 126 -42.48 -12.05 -21.50
CA LYS E 126 -41.74 -12.36 -20.28
C LYS E 126 -41.65 -11.19 -19.31
N ARG E 127 -41.50 -9.97 -19.81
CA ARG E 127 -41.54 -8.77 -18.98
C ARG E 127 -42.67 -7.88 -19.48
N PRO E 128 -43.84 -7.92 -18.85
CA PRO E 128 -45.00 -7.21 -19.41
C PRO E 128 -44.89 -5.70 -19.37
N ILE E 129 -44.12 -5.14 -18.43
CA ILE E 129 -44.00 -3.70 -18.29
C ILE E 129 -42.79 -3.25 -19.10
N ILE E 130 -43.02 -2.76 -20.31
CA ILE E 130 -41.99 -2.20 -21.17
C ILE E 130 -42.48 -0.85 -21.66
N SER E 131 -41.81 0.21 -21.26
CA SER E 131 -42.20 1.56 -21.67
C SER E 131 -41.84 1.78 -23.13
N PRO E 132 -42.73 2.36 -23.92
CA PRO E 132 -42.43 2.59 -25.33
C PRO E 132 -41.56 3.81 -25.53
N ASN E 133 -40.77 3.77 -26.61
CA ASN E 133 -39.93 4.89 -27.00
C ASN E 133 -39.90 4.90 -28.52
N LEU E 134 -40.56 5.88 -29.12
CA LEU E 134 -40.69 5.93 -30.57
C LEU E 134 -39.33 6.07 -31.25
N ASN E 135 -38.39 6.75 -30.59
CA ASN E 135 -37.05 6.89 -31.18
C ASN E 135 -36.35 5.54 -31.25
N PHE E 136 -36.41 4.76 -30.15
CA PHE E 136 -35.77 3.46 -30.15
C PHE E 136 -36.45 2.49 -31.10
N MET E 137 -37.78 2.60 -31.24
CA MET E 137 -38.48 1.78 -32.21
C MET E 137 -38.01 2.08 -33.63
N GLY E 138 -37.81 3.36 -33.95
CA GLY E 138 -37.32 3.72 -35.26
C GLY E 138 -35.93 3.21 -35.54
N GLN E 139 -35.10 3.08 -34.50
CA GLN E 139 -33.76 2.53 -34.70
C GLN E 139 -33.79 1.02 -34.88
N LEU E 140 -34.71 0.32 -34.22
CA LEU E 140 -34.84 -1.12 -34.44
C LEU E 140 -35.40 -1.43 -35.81
N LEU E 141 -36.31 -0.61 -36.32
CA LEU E 141 -36.89 -0.84 -37.64
C LEU E 141 -35.84 -0.67 -38.73
N GLU E 142 -35.01 0.37 -38.61
CA GLU E 142 -33.91 0.56 -39.56
C GLU E 142 -32.84 -0.51 -39.39
N PHE E 143 -32.65 -0.98 -38.16
CA PHE E 143 -31.70 -2.08 -37.94
C PHE E 143 -32.23 -3.37 -38.56
N GLU E 144 -33.54 -3.58 -38.52
CA GLU E 144 -34.12 -4.76 -39.16
C GLU E 144 -33.90 -4.74 -40.67
N GLU E 145 -34.00 -3.55 -41.29
CA GLU E 145 -33.80 -3.46 -42.73
C GLU E 145 -32.34 -3.54 -43.12
N ASP E 146 -31.42 -3.11 -42.25
CA ASP E 146 -30.00 -3.24 -42.55
C ASP E 146 -29.51 -4.67 -42.38
N LEU E 147 -30.16 -5.45 -41.52
CA LEU E 147 -29.80 -6.86 -41.40
C LEU E 147 -30.25 -7.65 -42.62
N ASN E 148 -31.40 -7.30 -43.20
CA ASN E 148 -31.90 -7.97 -44.39
C ASN E 148 -31.15 -7.61 -45.66
N ASN E 149 -30.30 -6.58 -45.63
CA ASN E 149 -29.50 -6.19 -46.79
C ASN E 149 -28.02 -6.46 -46.64
N GLY E 150 -27.51 -6.51 -45.41
CA GLY E 150 -26.10 -6.75 -45.19
C GLY E 150 -25.36 -5.56 -44.61
N GLU F 6 -15.69 18.50 3.51
CA GLU F 6 -16.33 19.49 2.65
C GLU F 6 -15.55 19.65 1.34
N LEU F 7 -16.07 20.52 0.47
CA LEU F 7 -15.49 20.73 -0.86
C LEU F 7 -14.30 21.69 -0.76
N THR F 8 -13.13 21.23 -1.18
CA THR F 8 -11.92 22.03 -1.11
C THR F 8 -11.90 23.02 -2.28
N PRO F 9 -11.79 24.32 -2.03
CA PRO F 9 -11.75 25.27 -3.14
C PRO F 9 -10.33 25.53 -3.62
N ILE F 10 -9.93 24.90 -4.72
CA ILE F 10 -8.61 25.15 -5.29
C ILE F 10 -8.55 26.55 -5.88
N LEU F 11 -9.37 26.80 -6.89
CA LEU F 11 -9.59 28.14 -7.42
C LEU F 11 -11.02 28.59 -7.09
N PRO F 12 -11.32 29.89 -7.20
CA PRO F 12 -12.68 30.36 -6.88
C PRO F 12 -13.78 29.67 -7.69
N PHE F 13 -13.47 29.07 -8.84
CA PHE F 13 -14.47 28.40 -9.65
C PHE F 13 -14.18 26.92 -9.84
N LEU F 14 -13.06 26.42 -9.30
CA LEU F 14 -12.67 25.03 -9.45
C LEU F 14 -12.66 24.39 -8.06
N PHE F 15 -13.33 23.25 -7.92
CA PHE F 15 -13.52 22.61 -6.64
C PHE F 15 -13.13 21.15 -6.72
N LEU F 16 -12.48 20.66 -5.66
CA LEU F 16 -11.95 19.30 -5.57
C LEU F 16 -12.62 18.58 -4.41
N GLY F 17 -12.96 17.31 -4.63
CA GLY F 17 -13.61 16.57 -3.57
C GLY F 17 -13.52 15.08 -3.79
N ASN F 18 -14.32 14.35 -3.02
CA ASN F 18 -14.38 12.90 -3.09
C ASN F 18 -15.84 12.45 -3.12
N GLU F 19 -16.04 11.14 -3.06
CA GLU F 19 -17.39 10.57 -3.09
C GLU F 19 -18.32 11.20 -2.05
N GLN F 20 -17.83 11.38 -0.82
CA GLN F 20 -18.67 11.95 0.22
C GLN F 20 -18.89 13.45 0.02
N ASP F 21 -17.87 14.16 -0.43
CA ASP F 21 -17.99 15.61 -0.60
C ASP F 21 -18.94 15.97 -1.73
N ALA F 22 -19.04 15.10 -2.74
CA ALA F 22 -19.89 15.40 -3.90
C ALA F 22 -21.37 15.15 -3.65
N GLN F 23 -21.73 14.51 -2.54
CA GLN F 23 -23.12 14.24 -2.22
C GLN F 23 -23.76 15.33 -1.38
N ASP F 24 -23.02 16.40 -1.06
CA ASP F 24 -23.54 17.50 -0.26
C ASP F 24 -24.15 18.51 -1.22
N LEU F 25 -25.48 18.47 -1.34
CA LEU F 25 -26.17 19.31 -2.31
C LEU F 25 -26.27 20.76 -1.86
N ASP F 26 -26.47 20.99 -0.55
CA ASP F 26 -26.58 22.36 -0.07
C ASP F 26 -25.26 23.11 -0.22
N THR F 27 -24.14 22.43 0.01
CA THR F 27 -22.83 23.07 -0.13
C THR F 27 -22.52 23.40 -1.58
N MET F 28 -22.91 22.50 -2.51
CA MET F 28 -22.65 22.76 -3.91
C MET F 28 -23.44 23.96 -4.41
N GLN F 29 -24.63 24.18 -3.86
CA GLN F 29 -25.42 25.36 -4.22
C GLN F 29 -24.91 26.62 -3.52
N ARG F 30 -24.36 26.48 -2.31
CA ARG F 30 -23.75 27.63 -1.65
C ARG F 30 -22.48 28.10 -2.36
N LEU F 31 -21.83 27.22 -3.11
CA LEU F 31 -20.61 27.57 -3.82
C LEU F 31 -20.85 27.87 -5.30
N ASN F 32 -22.11 27.92 -5.72
CA ASN F 32 -22.49 28.26 -7.09
C ASN F 32 -21.85 27.29 -8.10
N ILE F 33 -22.04 26.00 -7.87
CA ILE F 33 -21.52 24.95 -8.74
C ILE F 33 -22.61 24.55 -9.72
N GLY F 34 -22.26 24.47 -11.00
CA GLY F 34 -23.20 24.08 -12.03
C GLY F 34 -22.65 23.01 -12.94
N TYR F 35 -21.38 22.64 -12.73
CA TYR F 35 -20.70 21.64 -13.53
C TYR F 35 -20.02 20.64 -12.62
N VAL F 36 -20.05 19.36 -13.01
CA VAL F 36 -19.49 18.28 -12.20
C VAL F 36 -18.72 17.33 -13.11
N ILE F 37 -17.50 17.01 -12.71
CA ILE F 37 -16.68 15.99 -13.39
C ILE F 37 -16.52 14.81 -12.44
N ASN F 38 -16.98 13.64 -12.88
CA ASN F 38 -16.88 12.41 -12.11
C ASN F 38 -15.81 11.55 -12.78
N VAL F 39 -14.69 11.36 -12.09
CA VAL F 39 -13.54 10.67 -12.67
C VAL F 39 -13.53 9.21 -12.21
N THR F 40 -14.66 8.53 -12.34
CA THR F 40 -14.77 7.13 -11.98
C THR F 40 -15.58 6.38 -13.03
N THR F 41 -15.46 5.06 -13.01
CA THR F 41 -16.29 4.20 -13.85
C THR F 41 -17.53 3.68 -13.14
N HIS F 42 -17.54 3.68 -11.80
CA HIS F 42 -18.58 3.03 -11.03
C HIS F 42 -19.40 3.96 -10.15
N LEU F 43 -18.89 5.15 -9.83
CA LEU F 43 -19.67 6.04 -8.95
C LEU F 43 -20.82 6.67 -9.74
N PRO F 44 -21.98 6.82 -9.10
CA PRO F 44 -23.10 7.46 -9.79
C PRO F 44 -22.89 8.96 -9.92
N LEU F 45 -23.59 9.54 -10.90
CA LEU F 45 -23.66 10.98 -11.05
C LEU F 45 -24.67 11.48 -10.02
N TYR F 46 -24.18 11.97 -8.89
CA TYR F 46 -25.04 12.33 -7.78
C TYR F 46 -25.93 13.51 -8.15
N HIS F 47 -27.21 13.41 -7.78
CA HIS F 47 -28.20 14.45 -8.04
C HIS F 47 -28.37 14.72 -9.54
N TYR F 48 -28.28 13.66 -10.33
CA TYR F 48 -28.46 13.78 -11.77
C TYR F 48 -29.94 13.90 -12.12
N GLU F 49 -30.78 13.11 -11.44
CA GLU F 49 -32.21 13.14 -11.69
C GLU F 49 -32.84 14.49 -11.33
N LYS F 50 -32.15 15.31 -10.53
CA LYS F 50 -32.66 16.62 -10.19
C LYS F 50 -32.42 17.66 -11.27
N GLY F 51 -31.48 17.40 -12.19
CA GLY F 51 -31.27 18.31 -13.31
C GLY F 51 -30.77 19.69 -12.90
N LEU F 52 -29.85 19.74 -11.94
CA LEU F 52 -29.35 21.02 -11.45
C LEU F 52 -27.95 21.35 -11.97
N PHE F 53 -27.17 20.35 -12.37
CA PHE F 53 -25.80 20.57 -12.80
C PHE F 53 -25.59 19.93 -14.16
N ASN F 54 -24.48 20.28 -14.79
CA ASN F 54 -24.04 19.61 -16.01
C ASN F 54 -22.95 18.61 -15.63
N TYR F 55 -23.11 17.38 -16.11
CA TYR F 55 -22.23 16.29 -15.71
C TYR F 55 -21.37 15.84 -16.88
N LYS F 56 -20.11 15.55 -16.60
CA LYS F 56 -19.21 14.90 -17.54
C LYS F 56 -18.45 13.85 -16.78
N ARG F 57 -18.51 12.61 -17.25
CA ARG F 57 -17.86 11.48 -16.60
C ARG F 57 -16.63 11.09 -17.41
N LEU F 58 -15.49 10.95 -16.73
CA LEU F 58 -14.27 10.48 -17.36
C LEU F 58 -14.02 9.07 -16.88
N PRO F 59 -14.37 8.04 -17.67
CA PRO F 59 -14.26 6.66 -17.18
C PRO F 59 -12.82 6.24 -16.91
N ALA F 60 -12.48 6.12 -15.63
CA ALA F 60 -11.12 5.80 -15.23
C ALA F 60 -11.17 5.03 -13.92
N THR F 61 -10.24 4.10 -13.76
CA THR F 61 -10.06 3.38 -12.51
C THR F 61 -8.77 3.85 -11.85
N ASP F 62 -8.68 3.60 -10.54
CA ASP F 62 -7.51 4.03 -9.77
C ASP F 62 -6.44 2.94 -9.77
N SER F 63 -5.99 2.60 -10.98
CA SER F 63 -4.98 1.58 -11.18
C SER F 63 -3.68 2.21 -11.66
N ASN F 64 -2.65 1.37 -11.75
CA ASN F 64 -1.32 1.77 -12.19
C ASN F 64 -1.17 1.75 -13.70
N LYS F 65 -2.25 1.55 -14.44
CA LYS F 65 -2.22 1.52 -15.89
C LYS F 65 -3.20 2.51 -16.53
N GLN F 66 -3.93 3.27 -15.73
CA GLN F 66 -4.92 4.19 -16.28
C GLN F 66 -4.25 5.36 -16.99
N ASN F 67 -4.84 5.76 -18.11
CA ASN F 67 -4.37 6.89 -18.90
C ASN F 67 -5.27 8.08 -18.60
N LEU F 68 -4.71 9.13 -17.97
CA LEU F 68 -5.47 10.34 -17.71
C LEU F 68 -5.11 11.49 -18.64
N ARG F 69 -3.96 11.42 -19.31
CA ARG F 69 -3.58 12.47 -20.25
C ARG F 69 -4.61 12.59 -21.38
N GLN F 70 -5.22 11.46 -21.77
CA GLN F 70 -6.21 11.47 -22.84
C GLN F 70 -7.46 12.26 -22.47
N TYR F 71 -7.74 12.42 -21.17
CA TYR F 71 -8.94 13.12 -20.72
C TYR F 71 -8.69 14.59 -20.41
N PHE F 72 -7.46 15.07 -20.58
CA PHE F 72 -7.12 16.43 -20.18
C PHE F 72 -7.86 17.46 -21.03
N GLU F 73 -7.74 17.34 -22.36
CA GLU F 73 -8.37 18.33 -23.23
C GLU F 73 -9.89 18.33 -23.10
N GLU F 74 -10.49 17.16 -22.86
CA GLU F 74 -11.93 17.12 -22.64
C GLU F 74 -12.30 17.79 -21.33
N ALA F 75 -11.48 17.61 -20.29
CA ALA F 75 -11.77 18.21 -19.00
C ALA F 75 -11.43 19.70 -18.95
N PHE F 76 -10.42 20.13 -19.71
CA PHE F 76 -10.08 21.56 -19.71
C PHE F 76 -11.14 22.38 -20.44
N GLU F 77 -11.63 21.88 -21.58
CA GLU F 77 -12.69 22.58 -22.28
C GLU F 77 -13.97 22.61 -21.45
N PHE F 78 -14.18 21.59 -20.62
CA PHE F 78 -15.35 21.58 -19.74
C PHE F 78 -15.19 22.53 -18.56
N ILE F 79 -13.97 22.68 -18.05
CA ILE F 79 -13.73 23.66 -16.97
C ILE F 79 -13.85 25.08 -17.50
N GLU F 80 -13.25 25.35 -18.66
CA GLU F 80 -13.36 26.69 -19.24
C GLU F 80 -14.78 27.03 -19.64
N GLU F 81 -15.64 26.03 -19.86
CA GLU F 81 -17.04 26.30 -20.12
C GLU F 81 -17.74 26.81 -18.86
N ALA F 82 -17.38 26.23 -17.71
CA ALA F 82 -17.92 26.72 -16.44
C ALA F 82 -17.34 28.08 -16.09
N HIS F 83 -16.04 28.27 -16.31
CA HIS F 83 -15.40 29.55 -16.04
C HIS F 83 -15.95 30.66 -16.92
N GLN F 84 -16.42 30.32 -18.12
CA GLN F 84 -16.85 31.33 -19.07
C GLN F 84 -18.21 31.92 -18.70
N CYS F 85 -19.06 31.15 -18.02
CA CYS F 85 -20.39 31.60 -17.64
C CYS F 85 -20.53 31.81 -16.13
N GLY F 86 -19.42 31.95 -15.43
CA GLY F 86 -19.43 32.31 -14.01
C GLY F 86 -19.82 31.22 -13.05
N LYS F 87 -20.03 29.99 -13.51
CA LYS F 87 -20.40 28.90 -12.63
C LYS F 87 -19.15 28.19 -12.11
N GLY F 88 -19.31 27.52 -10.96
CA GLY F 88 -18.24 26.73 -10.40
C GLY F 88 -18.29 25.29 -10.87
N LEU F 89 -17.14 24.62 -10.80
CA LEU F 89 -17.01 23.23 -11.22
C LEU F 89 -16.47 22.40 -10.08
N LEU F 90 -17.10 21.25 -9.83
CA LEU F 90 -16.62 20.27 -8.88
C LEU F 90 -16.13 19.06 -9.63
N ILE F 91 -14.88 18.68 -9.40
CA ILE F 91 -14.29 17.47 -9.96
C ILE F 91 -13.92 16.57 -8.79
N HIS F 92 -14.27 15.29 -8.89
CA HIS F 92 -14.12 14.39 -7.76
C HIS F 92 -13.88 12.97 -8.26
N CYS F 93 -13.44 12.12 -7.36
CA CYS F 93 -13.36 10.68 -7.63
C CYS F 93 -13.66 9.92 -6.34
N GLN F 94 -12.63 9.35 -5.72
CA GLN F 94 -12.80 8.60 -4.48
C GLN F 94 -11.90 9.19 -3.39
N ALA F 95 -11.80 8.45 -2.27
CA ALA F 95 -11.17 8.98 -1.06
C ALA F 95 -9.78 9.53 -1.32
N GLY F 96 -8.97 8.83 -2.10
CA GLY F 96 -7.60 9.25 -2.33
C GLY F 96 -7.44 10.52 -3.14
N VAL F 97 -8.52 11.01 -3.77
CA VAL F 97 -8.53 12.14 -4.70
C VAL F 97 -7.33 12.12 -5.64
N SER F 98 -6.82 10.92 -5.96
CA SER F 98 -5.69 10.82 -6.86
C SER F 98 -6.06 11.26 -8.28
N ARG F 99 -7.15 10.70 -8.81
CA ARG F 99 -7.53 10.95 -10.20
C ARG F 99 -7.96 12.40 -10.41
N SER F 100 -8.74 12.95 -9.48
CA SER F 100 -9.24 14.30 -9.64
C SER F 100 -8.13 15.33 -9.45
N ALA F 101 -7.22 15.08 -8.50
CA ALA F 101 -6.13 16.01 -8.28
C ALA F 101 -5.15 16.02 -9.45
N THR F 102 -5.03 14.90 -10.17
CA THR F 102 -4.17 14.87 -11.36
C THR F 102 -4.67 15.85 -12.42
N ILE F 103 -5.98 15.94 -12.59
CA ILE F 103 -6.52 16.85 -13.59
C ILE F 103 -6.48 18.30 -13.10
N VAL F 104 -6.76 18.51 -11.81
CA VAL F 104 -6.70 19.86 -11.26
C VAL F 104 -5.28 20.41 -11.35
N ILE F 105 -4.29 19.57 -11.05
CA ILE F 105 -2.90 20.00 -11.18
C ILE F 105 -2.57 20.31 -12.65
N ALA F 106 -2.97 19.41 -13.55
CA ALA F 106 -2.67 19.62 -14.96
C ALA F 106 -3.31 20.90 -15.48
N TYR F 107 -4.49 21.26 -14.97
CA TYR F 107 -5.10 22.52 -15.35
C TYR F 107 -4.27 23.69 -14.83
N LEU F 108 -3.83 23.62 -13.56
CA LEU F 108 -3.00 24.67 -12.99
C LEU F 108 -1.68 24.79 -13.74
N MET F 109 -1.18 23.69 -14.31
CA MET F 109 0.06 23.77 -15.07
C MET F 109 -0.15 24.47 -16.40
N LYS F 110 -1.30 24.27 -17.02
CA LYS F 110 -1.58 24.81 -18.35
C LYS F 110 -2.15 26.23 -18.31
N HIS F 111 -3.21 26.45 -17.54
CA HIS F 111 -3.94 27.71 -17.57
C HIS F 111 -3.55 28.66 -16.46
N THR F 112 -2.78 28.22 -15.46
CA THR F 112 -2.23 29.10 -14.44
C THR F 112 -0.75 29.36 -14.61
N ARG F 113 -0.09 28.63 -15.52
CA ARG F 113 1.33 28.82 -15.81
C ARG F 113 2.21 28.62 -14.58
N MET F 114 1.81 27.67 -13.73
CA MET F 114 2.63 27.23 -12.63
C MET F 114 3.50 26.04 -13.05
N THR F 115 4.58 25.84 -12.32
CA THR F 115 5.35 24.62 -12.49
C THR F 115 4.64 23.46 -11.79
N MET F 116 5.07 22.24 -12.08
CA MET F 116 4.38 21.08 -11.54
C MET F 116 4.51 20.99 -10.02
N THR F 117 5.72 21.20 -9.48
CA THR F 117 5.90 21.13 -8.03
C THR F 117 5.16 22.25 -7.32
N ASP F 118 5.15 23.45 -7.91
CA ASP F 118 4.42 24.55 -7.32
C ASP F 118 2.91 24.31 -7.38
N ALA F 119 2.44 23.72 -8.47
CA ALA F 119 1.02 23.39 -8.58
C ALA F 119 0.62 22.30 -7.59
N TYR F 120 1.55 21.39 -7.27
CA TYR F 120 1.26 20.38 -6.26
C TYR F 120 1.23 20.99 -4.87
N LYS F 121 2.23 21.82 -4.54
CA LYS F 121 2.24 22.46 -3.23
C LYS F 121 1.05 23.39 -3.06
N PHE F 122 0.53 23.92 -4.16
CA PHE F 122 -0.67 24.76 -4.07
C PHE F 122 -1.89 23.92 -3.72
N VAL F 123 -2.06 22.78 -4.39
CA VAL F 123 -3.19 21.90 -4.10
C VAL F 123 -3.02 21.23 -2.75
N LYS F 124 -1.81 20.76 -2.45
CA LYS F 124 -1.56 20.10 -1.17
C LYS F 124 -1.82 21.03 0.02
N GLY F 125 -1.56 22.32 -0.15
CA GLY F 125 -1.81 23.26 0.92
C GLY F 125 -3.27 23.46 1.25
N LYS F 126 -4.16 23.18 0.31
CA LYS F 126 -5.60 23.31 0.51
C LYS F 126 -6.26 21.99 0.86
N ARG F 127 -5.81 20.88 0.27
CA ARG F 127 -6.29 19.55 0.63
C ARG F 127 -5.09 18.71 1.06
N PRO F 128 -4.82 18.59 2.37
CA PRO F 128 -3.58 17.93 2.80
C PRO F 128 -3.54 16.43 2.54
N ILE F 129 -4.68 15.76 2.46
CA ILE F 129 -4.75 14.32 2.27
C ILE F 129 -4.90 14.04 0.78
N ILE F 130 -3.79 13.67 0.12
CA ILE F 130 -3.78 13.29 -1.28
C ILE F 130 -2.99 12.00 -1.42
N SER F 131 -3.65 10.92 -1.86
CA SER F 131 -2.95 9.65 -2.03
C SER F 131 -2.04 9.70 -3.27
N PRO F 132 -0.81 9.21 -3.16
CA PRO F 132 0.12 9.28 -4.30
C PRO F 132 -0.15 8.20 -5.33
N ASN F 133 0.20 8.52 -6.57
CA ASN F 133 0.06 7.58 -7.69
C ASN F 133 1.21 7.83 -8.64
N LEU F 134 2.18 6.90 -8.66
CA LEU F 134 3.36 7.09 -9.50
C LEU F 134 3.01 7.13 -10.98
N ASN F 135 1.96 6.42 -11.39
CA ASN F 135 1.56 6.43 -12.79
C ASN F 135 1.09 7.80 -13.22
N PHE F 136 0.24 8.43 -12.40
CA PHE F 136 -0.25 9.77 -12.75
C PHE F 136 0.86 10.80 -12.65
N MET F 137 1.81 10.63 -11.72
CA MET F 137 2.94 11.54 -11.62
C MET F 137 3.77 11.53 -12.90
N GLY F 138 4.01 10.33 -13.45
CA GLY F 138 4.75 10.25 -14.70
C GLY F 138 4.02 10.90 -15.87
N GLN F 139 2.69 10.89 -15.84
CA GLN F 139 1.91 11.52 -16.90
C GLN F 139 1.93 13.04 -16.79
N LEU F 140 1.98 13.56 -15.56
CA LEU F 140 2.10 15.00 -15.37
C LEU F 140 3.48 15.50 -15.76
N LEU F 141 4.52 14.69 -15.55
CA LEU F 141 5.86 15.12 -15.91
C LEU F 141 6.02 15.20 -17.42
N GLU F 142 5.50 14.22 -18.16
CA GLU F 142 5.53 14.31 -19.61
C GLU F 142 4.61 15.41 -20.11
N PHE F 143 3.50 15.65 -19.41
CA PHE F 143 2.63 16.76 -19.76
C PHE F 143 3.30 18.10 -19.49
N GLU F 144 4.08 18.18 -18.40
CA GLU F 144 4.82 19.40 -18.12
C GLU F 144 5.86 19.68 -19.20
N GLU F 145 6.49 18.62 -19.73
CA GLU F 145 7.47 18.81 -20.79
C GLU F 145 6.81 19.12 -22.12
N ASP F 146 5.58 18.64 -22.33
CA ASP F 146 4.86 18.97 -23.55
C ASP F 146 4.34 20.40 -23.53
N LEU F 147 4.11 20.96 -22.34
CA LEU F 147 3.70 22.35 -22.25
C LEU F 147 4.85 23.30 -22.61
N ASN F 148 6.08 22.91 -22.27
CA ASN F 148 7.25 23.73 -22.61
C ASN F 148 7.59 23.67 -24.09
N ASN F 149 6.99 22.76 -24.85
CA ASN F 149 7.20 22.68 -26.29
C ASN F 149 5.97 23.09 -27.10
N GLY F 150 4.78 22.98 -26.53
CA GLY F 150 3.56 23.35 -27.23
C GLY F 150 2.64 22.18 -27.53
C10 L8R G . 3.90 -22.58 -14.30
N12 L8R G . 2.40 -23.14 -12.46
C13 L8R G . 2.56 -21.90 -11.96
C15 L8R G . 2.38 -19.71 -9.68
C20 L8R G . 2.88 -17.88 -7.39
C21 L8R G . 0.42 -18.21 -7.01
C24 L8R G . 4.88 -20.23 -14.34
C01 L8R G . 4.58 -16.30 -10.74
C02 L8R G . 5.29 -16.99 -11.94
C03 L8R G . 4.68 -18.35 -12.40
C04 L8R G . 5.17 -18.88 -13.72
C05 L8R G . 6.01 -18.08 -14.51
C07 L8R G . 5.49 -20.49 -15.59
C08 L8R G . 5.31 -21.77 -16.36
C09 L8R G . 4.62 -22.98 -15.57
C11 L8R G . 3.05 -23.51 -13.61
C16 L8R G . 1.39 -18.62 -9.27
C18 L8R G . 1.48 -17.71 -8.01
C19 L8R G . 1.23 -16.21 -8.29
C23 L8R G . 4.04 -21.30 -13.74
N22 L8R G . 3.36 -20.96 -12.58
O17 L8R G . 0.40 -18.40 -10.01
S06 L8R G . 6.40 -18.98 -15.96
S14 L8R G . 1.70 -21.37 -10.40
C10 L8R H . -23.18 6.14 30.63
N12 L8R H . -22.45 3.89 30.08
C13 L8R H . -22.60 4.15 28.78
C15 L8R H . -22.03 3.53 25.71
C20 L8R H . -20.00 4.86 23.03
C21 L8R H . -21.54 2.86 22.83
C24 L8R H . -23.80 7.70 28.74
C01 L8R H . -22.15 8.15 23.81
C02 L8R H . -23.40 8.01 24.72
C03 L8R H . -23.14 7.40 26.13
C04 L8R H . -23.71 8.17 27.29
C05 L8R H . -24.24 9.45 27.11
C07 L8R H . -24.37 8.60 29.65
C08 L8R H . -24.52 8.28 31.12
C09 L8R H . -23.49 7.22 31.66
C11 L8R H . -22.72 4.84 31.04
C16 L8R H . -20.64 3.57 25.07
C18 L8R H . -20.31 3.44 23.57
C19 L8R H . -19.08 2.54 23.30
C23 L8R H . -23.32 6.38 29.27
N22 L8R H . -23.04 5.40 28.33
O17 L8R H . -19.64 3.70 25.83
S06 L8R H . -24.80 10.03 28.66
S14 L8R H . -22.22 2.86 27.51
C10 L8R I . 51.15 -6.14 26.50
N12 L8R I . 50.20 -6.89 24.39
C13 L8R I . 48.98 -6.47 24.80
C15 L8R I . 45.93 -5.71 24.30
C20 L8R I . 43.33 -3.93 24.63
C21 L8R I . 43.75 -4.27 22.17
C24 L8R I . 49.59 -5.09 28.20
C01 L8R I . 45.20 -2.35 27.97
C02 L8R I . 45.80 -3.69 28.46
C03 L8R I . 47.08 -4.17 27.73
C04 L8R I . 48.31 -4.38 28.59
C05 L8R I . 48.34 -3.89 29.91
C07 L8R I . 50.59 -5.16 29.19
C08 L8R I . 51.92 -5.85 28.96
C09 L8R I . 52.34 -5.97 27.43
C11 L8R I . 51.30 -6.74 25.20
C16 L8R I . 45.68 -4.29 23.80
C18 L8R I . 44.30 -3.64 23.47
C19 L8R I . 44.40 -2.11 23.28
C23 L8R I . 49.88 -5.73 26.89
N22 L8R I . 48.78 -5.89 26.03
O17 L8R I . 46.68 -3.55 23.62
S06 L8R I . 49.89 -4.31 30.60
S14 L8R I . 47.50 -6.66 23.69
C10 L8R J . 8.27 10.50 -11.01
N12 L8R J . 9.72 8.57 -10.61
C13 L8R J . 10.60 9.38 -9.98
C15 L8R J . 13.05 9.87 -8.01
C20 L8R J . 14.07 10.43 -4.52
C21 L8R J . 15.55 10.63 -6.54
C24 L8R J . 9.06 12.75 -10.16
C01 L8R J . 12.71 13.29 -6.48
C02 L8R J . 11.67 14.00 -7.38
C03 L8R J . 11.27 13.22 -8.67
C04 L8R J . 10.01 13.65 -9.37
C05 L8R J . 9.61 14.98 -9.34
C07 L8R J . 7.94 13.39 -10.74
C08 L8R J . 6.90 12.66 -11.57
C09 L8R J . 6.99 11.07 -11.58
C11 L8R J . 8.55 9.09 -11.13
C16 L8R J . 13.42 9.30 -6.65
C18 L8R J . 14.62 9.69 -5.74
C19 L8R J . 15.44 8.47 -5.25
C23 L8R J . 9.22 11.29 -10.36
N22 L8R J . 10.38 10.73 -9.85
O17 L8R J . 12.69 8.39 -6.19
S06 L8R J . 8.11 15.11 -10.27
S14 L8R J . 12.18 8.70 -9.27
C10 L8R K . -46.63 -0.97 -29.03
N12 L8R K . -45.68 -0.33 -26.89
C13 L8R K . -44.52 -0.90 -27.24
C15 L8R K . -41.40 -1.32 -26.96
C20 L8R K . -38.16 0.09 -28.35
C21 L8R K . -38.46 -1.76 -26.66
C24 L8R K . -45.14 -2.23 -30.64
C01 L8R K . -39.86 -2.08 -30.68
C02 L8R K . -41.18 -2.46 -31.40
C03 L8R K . -42.45 -2.40 -30.51
C04 L8R K . -43.78 -2.61 -31.18
C05 L8R K . -43.85 -3.25 -32.44
C07 L8R K . -46.26 -2.53 -31.45
C08 L8R K . -47.67 -2.20 -31.05
C09 L8R K . -47.79 -1.01 -30.01
C11 L8R K . -46.76 -0.33 -27.74
C16 L8R K . -40.37 -0.21 -27.19
C18 L8R K . -38.83 -0.30 -27.01
C19 L8R K . -38.30 0.64 -25.89
C23 L8R K . -45.41 -1.55 -29.35
N22 L8R K . -44.34 -1.51 -28.45
O17 L8R K . -40.80 0.91 -27.57
S06 L8R K . -45.55 -3.32 -32.90
S14 L8R K . -43.07 -0.88 -26.08
C10 L8R L . 5.43 13.43 -2.85
N12 L8R L . 3.34 12.41 -2.18
C13 L8R L . 2.72 13.00 -3.22
C15 L8R L . 0.22 13.52 -5.12
C20 L8R L . -0.84 14.37 -7.96
C21 L8R L . -2.34 12.56 -7.05
C24 L8R L . 5.46 14.92 -4.89
C01 L8R L . 2.28 16.30 -8.72
C02 L8R L . 3.45 15.34 -8.38
C03 L8R L . 3.61 14.99 -6.87
C04 L8R L . 4.93 15.36 -6.24
C05 L8R L . 5.82 16.19 -6.92
C07 L8R L . 6.72 15.41 -4.53
C08 L8R L . 7.38 15.07 -3.22
C09 L8R L . 6.93 13.67 -2.65
C11 L8R L . 4.68 12.59 -1.96
C16 L8R L . 0.07 12.65 -6.37
C18 L8R L . -0.91 12.88 -7.55
C19 L8R L . -0.60 12.01 -8.81
C23 L8R L . 4.76 14.03 -3.92
N22 L8R L . 3.40 13.82 -4.11
O17 L8R L . 0.80 11.63 -6.47
S06 L8R L . 7.23 16.42 -5.92
S14 L8R L . 0.91 12.74 -3.49
#